data_2XSW
#
_entry.id   2XSW
#
_cell.length_a   50.528
_cell.length_b   103.579
_cell.length_c   137.545
_cell.angle_alpha   90.00
_cell.angle_beta   90.00
_cell.angle_gamma   90.00
#
_symmetry.space_group_name_H-M   'P 21 21 21'
#
loop_
_entity.id
_entity.type
_entity.pdbx_description
1 polymer '72 KDA INOSITOL POLYPHOSPHATE 5-PHOSPHATASE'
2 non-polymer 'CHLORIDE ION'
3 non-polymer GLYCEROL
4 water water
#
_entity_poly.entity_id   1
_entity_poly.type   'polypeptide(L)'
_entity_poly.pdbx_seq_one_letter_code
;MEGSLLASGALLGADELARYFPDRNVALFVATWNMQGQKELPPSLDEFLLPAEADYAQDLYVIGVQEGCSDRREWETRLQ
ETLGPHYVLLSSAAHGVLYMSLFIRRDLIWFCSEVECSTVTTRIVSQIKTKGALGISFTFFGTSFLFITSHFTSGDGKVA
ERLLDYTRTVQALVLPRNVPDTNPYRSSAADVTTRFDEVFWFGDFNFRLSGGRTVVDALLCQGLVVDVPALLQHDQLIRE
MRKGSIFKGFQEPDIHFLPSYKFDIGKDTYDSTSKQRTPSYTDRVLYRSRHKGDICPVSYSSCPGIKTSDHRPVYGLFRV
KVRPGRDNIPLAAGKFDRELYLLGIKRRISAHHHHHH
;
_entity_poly.pdbx_strand_id   A,B
#
# COMPACT_ATOMS: atom_id res chain seq x y z
N GLY A 9 4.72 22.49 20.83
CA GLY A 9 5.64 21.57 20.07
C GLY A 9 4.89 20.73 19.04
N ALA A 10 5.59 19.77 18.45
CA ALA A 10 4.99 18.93 17.44
C ALA A 10 3.84 18.11 18.04
N LEU A 11 2.80 17.86 17.26
CA LEU A 11 1.72 16.99 17.71
C LEU A 11 2.29 15.68 18.26
N LEU A 12 3.31 15.15 17.59
CA LEU A 12 3.86 13.84 17.93
C LEU A 12 5.15 13.96 18.73
N GLY A 13 5.42 15.13 19.30
CA GLY A 13 6.69 15.42 19.96
C GLY A 13 6.74 15.13 21.45
N ALA A 14 7.85 15.52 22.07
CA ALA A 14 8.16 15.16 23.45
C ALA A 14 7.24 15.78 24.50
N ASP A 15 6.75 17.00 24.23
CA ASP A 15 5.82 17.67 25.13
C ASP A 15 4.49 16.94 25.19
N GLU A 16 3.96 16.57 24.03
CA GLU A 16 2.70 15.85 24.00
C GLU A 16 2.91 14.50 24.66
N LEU A 17 4.04 13.85 24.37
CA LEU A 17 4.29 12.52 24.93
C LEU A 17 4.32 12.58 26.47
N ALA A 18 4.92 13.64 27.00
CA ALA A 18 5.01 13.84 28.45
C ALA A 18 3.62 13.97 29.07
N ARG A 19 2.69 14.59 28.34
CA ARG A 19 1.37 14.84 28.90
C ARG A 19 0.62 13.53 29.03
N TYR A 20 0.77 12.67 28.03
CA TYR A 20 -0.04 11.48 27.95
C TYR A 20 0.66 10.22 28.49
N PHE A 21 1.99 10.17 28.41
CA PHE A 21 2.77 9.05 28.92
C PHE A 21 4.03 9.54 29.58
N PRO A 22 3.92 10.01 30.83
CA PRO A 22 5.11 10.52 31.52
C PRO A 22 6.23 9.48 31.61
N ASP A 23 5.87 8.22 31.80
CA ASP A 23 6.87 7.15 31.93
C ASP A 23 7.16 6.49 30.58
N ARG A 24 6.52 6.99 29.54
CA ARG A 24 6.77 6.52 28.16
C ARG A 24 6.50 5.04 27.91
N ASN A 25 5.54 4.50 28.63
CA ASN A 25 5.14 3.11 28.44
C ASN A 25 3.69 3.10 28.01
N VAL A 26 3.37 2.30 27.00
CA VAL A 26 2.00 2.16 26.52
C VAL A 26 1.51 0.76 26.88
N ALA A 27 0.24 0.66 27.28
CA ALA A 27 -0.33 -0.62 27.70
C ALA A 27 -1.07 -1.21 26.52
N LEU A 28 -0.67 -2.41 26.11
CA LEU A 28 -1.21 -3.00 24.92
C LEU A 28 -1.80 -4.38 25.23
N PHE A 29 -2.99 -4.64 24.68
CA PHE A 29 -3.70 -5.92 24.80
C PHE A 29 -3.72 -6.48 23.39
N VAL A 30 -3.24 -7.70 23.21
CA VAL A 30 -3.19 -8.34 21.90
C VAL A 30 -3.84 -9.72 22.05
N ALA A 31 -4.80 -10.06 21.21
CA ALA A 31 -5.46 -11.37 21.34
C ALA A 31 -5.67 -12.00 19.99
N THR A 32 -5.74 -13.33 20.00
CA THR A 32 -5.98 -14.07 18.80
C THR A 32 -7.07 -15.09 19.10
N TRP A 33 -8.01 -15.28 18.18
CA TRP A 33 -9.08 -16.25 18.43
C TRP A 33 -9.54 -16.86 17.12
N ASN A 34 -9.54 -18.19 17.05
CA ASN A 34 -10.09 -18.87 15.92
C ASN A 34 -11.54 -19.22 16.26
N MET A 35 -12.48 -18.61 15.53
CA MET A 35 -13.92 -18.72 15.83
C MET A 35 -14.59 -19.94 15.22
N GLN A 36 -13.86 -20.72 14.43
CA GLN A 36 -14.44 -21.86 13.73
C GLN A 36 -15.71 -21.48 12.95
N GLY A 37 -15.78 -20.23 12.51
CA GLY A 37 -16.86 -19.76 11.65
C GLY A 37 -18.22 -19.74 12.34
N GLN A 38 -18.24 -19.61 13.66
CA GLN A 38 -19.50 -19.78 14.39
C GLN A 38 -20.39 -18.57 14.22
N LYS A 39 -21.68 -18.82 14.09
CA LYS A 39 -22.64 -17.75 13.82
C LYS A 39 -22.96 -16.95 15.09
N GLU A 40 -23.34 -17.65 16.16
CA GLU A 40 -23.70 -17.00 17.43
C GLU A 40 -22.48 -16.72 18.31
N LEU A 41 -22.28 -15.46 18.64
CA LEU A 41 -21.13 -15.04 19.44
C LEU A 41 -21.38 -15.36 20.92
N PRO A 42 -20.31 -15.31 21.75
CA PRO A 42 -20.51 -15.54 23.19
C PRO A 42 -21.44 -14.47 23.76
N PRO A 43 -22.12 -14.76 24.86
CA PRO A 43 -23.08 -13.83 25.45
C PRO A 43 -22.42 -12.55 25.95
N SER A 44 -21.14 -12.63 26.35
CA SER A 44 -20.46 -11.46 26.87
C SER A 44 -18.99 -11.50 26.47
N LEU A 45 -18.46 -10.37 26.00
CA LEU A 45 -17.07 -10.31 25.64
C LEU A 45 -16.30 -9.69 26.79
N ASP A 46 -16.98 -9.33 27.88
CA ASP A 46 -16.30 -8.74 29.04
C ASP A 46 -15.11 -9.56 29.54
N GLU A 47 -15.19 -10.88 29.48
CA GLU A 47 -14.15 -11.73 30.09
C GLU A 47 -13.04 -11.89 29.06
N PHE A 48 -13.36 -11.63 27.81
CA PHE A 48 -12.35 -11.65 26.77
C PHE A 48 -11.54 -10.34 26.83
N LEU A 49 -12.22 -9.21 26.79
CA LEU A 49 -11.51 -7.94 26.68
C LEU A 49 -11.07 -7.36 28.01
N LEU A 50 -11.71 -7.74 29.11
CA LEU A 50 -11.31 -7.22 30.42
C LEU A 50 -10.95 -8.37 31.35
N PRO A 51 -9.84 -9.05 31.06
CA PRO A 51 -9.46 -10.21 31.88
C PRO A 51 -9.13 -9.78 33.31
N ALA A 52 -9.24 -10.71 34.25
CA ALA A 52 -9.12 -10.37 35.68
C ALA A 52 -7.83 -9.61 36.00
N GLU A 53 -6.72 -10.08 35.47
CA GLU A 53 -5.43 -9.48 35.79
C GLU A 53 -5.17 -8.21 35.01
N ALA A 54 -5.98 -7.96 33.98
CA ALA A 54 -5.99 -6.65 33.32
C ALA A 54 -6.61 -5.64 34.28
N ASP A 55 -5.88 -5.37 35.36
CA ASP A 55 -6.36 -4.51 36.43
C ASP A 55 -5.85 -3.08 36.22
N TYR A 56 -5.73 -2.69 34.96
CA TYR A 56 -5.42 -1.32 34.61
C TYR A 56 -5.93 -1.11 33.18
N ALA A 57 -6.20 0.14 32.82
CA ALA A 57 -6.76 0.48 31.51
C ALA A 57 -5.76 0.26 30.38
N GLN A 58 -6.16 -0.42 29.30
CA GLN A 58 -5.26 -0.60 28.16
C GLN A 58 -5.35 0.61 27.23
N ASP A 59 -4.24 0.98 26.61
CA ASP A 59 -4.24 2.08 25.66
C ASP A 59 -4.66 1.64 24.28
N LEU A 60 -4.29 0.40 23.92
CA LEU A 60 -4.57 -0.12 22.59
C LEU A 60 -5.02 -1.57 22.69
N TYR A 61 -6.03 -1.96 21.90
CA TYR A 61 -6.48 -3.34 21.82
C TYR A 61 -6.35 -3.79 20.40
N VAL A 62 -5.72 -4.94 20.16
CA VAL A 62 -5.59 -5.42 18.82
C VAL A 62 -6.08 -6.86 18.85
N ILE A 63 -7.05 -7.15 18.00
CA ILE A 63 -7.77 -8.42 18.08
C ILE A 63 -7.71 -9.08 16.71
N GLY A 64 -7.06 -10.23 16.63
CA GLY A 64 -6.95 -10.96 15.38
C GLY A 64 -7.86 -12.18 15.44
N VAL A 65 -8.61 -12.45 14.37
CA VAL A 65 -9.55 -13.58 14.37
C VAL A 65 -9.30 -14.41 13.13
N GLN A 66 -9.29 -15.73 13.27
CA GLN A 66 -9.20 -16.62 12.13
C GLN A 66 -10.52 -17.37 12.06
N GLU A 67 -10.87 -17.87 10.87
CA GLU A 67 -12.19 -18.47 10.64
C GLU A 67 -13.30 -17.63 11.28
N GLY A 68 -13.33 -16.35 10.95
CA GLY A 68 -14.20 -15.41 11.61
C GLY A 68 -15.66 -15.63 11.23
N CYS A 69 -16.55 -15.17 12.09
CA CYS A 69 -17.98 -15.23 11.84
C CYS A 69 -18.29 -14.40 10.59
N SER A 70 -19.31 -14.79 9.84
CA SER A 70 -19.58 -14.13 8.57
CA SER A 70 -19.62 -14.14 8.57
C SER A 70 -19.91 -12.65 8.75
N ASP A 71 -20.58 -12.29 9.85
CA ASP A 71 -20.98 -10.89 10.07
C ASP A 71 -19.84 -10.14 10.80
N ARG A 72 -18.84 -9.72 10.02
CA ARG A 72 -17.69 -8.99 10.54
C ARG A 72 -18.13 -7.70 11.26
N ARG A 73 -19.11 -7.00 10.68
CA ARG A 73 -19.56 -5.73 11.25
C ARG A 73 -20.16 -5.95 12.65
N GLU A 74 -20.93 -7.03 12.81
CA GLU A 74 -21.54 -7.29 14.10
C GLU A 74 -20.45 -7.59 15.15
N TRP A 75 -19.45 -8.35 14.76
CA TRP A 75 -18.33 -8.62 15.67
C TRP A 75 -17.68 -7.29 16.11
N GLU A 76 -17.39 -6.43 15.15
CA GLU A 76 -16.74 -5.16 15.50
C GLU A 76 -17.66 -4.28 16.33
N THR A 77 -18.96 -4.39 16.06
CA THR A 77 -19.93 -3.60 16.82
C THR A 77 -19.90 -4.05 18.28
N ARG A 78 -19.86 -5.36 18.53
CA ARG A 78 -19.85 -5.86 19.91
C ARG A 78 -18.55 -5.55 20.64
N LEU A 79 -17.44 -5.57 19.91
CA LEU A 79 -16.18 -5.12 20.49
C LEU A 79 -16.29 -3.64 20.88
N GLN A 80 -16.78 -2.82 19.96
CA GLN A 80 -16.88 -1.39 20.24
C GLN A 80 -17.79 -1.19 21.45
N GLU A 81 -18.87 -1.96 21.53
CA GLU A 81 -19.84 -1.77 22.61
C GLU A 81 -19.21 -2.17 23.96
N THR A 82 -18.45 -3.25 23.95
CA THR A 82 -17.84 -3.73 25.18
C THR A 82 -16.78 -2.76 25.69
N LEU A 83 -15.92 -2.29 24.79
CA LEU A 83 -14.89 -1.33 25.19
C LEU A 83 -15.50 -0.02 25.61
N GLY A 84 -16.56 0.38 24.92
CA GLY A 84 -17.30 1.59 25.26
C GLY A 84 -16.71 2.86 24.64
N PRO A 85 -17.27 4.02 25.01
CA PRO A 85 -16.99 5.27 24.28
C PRO A 85 -15.58 5.85 24.52
N HIS A 86 -14.80 5.28 25.44
CA HIS A 86 -13.43 5.75 25.61
C HIS A 86 -12.51 5.24 24.52
N TYR A 87 -13.01 4.31 23.70
CA TYR A 87 -12.18 3.70 22.64
C TYR A 87 -12.79 3.94 21.26
N VAL A 88 -11.94 4.08 20.25
CA VAL A 88 -12.42 4.13 18.88
C VAL A 88 -11.67 3.13 18.01
N LEU A 89 -12.30 2.72 16.91
CA LEU A 89 -11.68 1.77 16.01
C LEU A 89 -10.71 2.55 15.09
N LEU A 90 -9.42 2.41 15.37
CA LEU A 90 -8.38 3.11 14.64
C LEU A 90 -8.24 2.51 13.24
N SER A 91 -8.39 1.19 13.18
CA SER A 91 -8.36 0.51 11.92
C SER A 91 -8.93 -0.90 11.98
N SER A 92 -9.49 -1.37 10.87
CA SER A 92 -9.75 -2.80 10.79
C SER A 92 -9.68 -3.28 9.37
N ALA A 93 -9.34 -4.56 9.24
CA ALA A 93 -9.06 -5.14 7.94
C ALA A 93 -9.51 -6.57 7.95
N ALA A 94 -9.61 -7.11 6.76
CA ALA A 94 -10.06 -8.47 6.58
C ALA A 94 -9.37 -9.01 5.35
N HIS A 95 -9.11 -10.29 5.37
CA HIS A 95 -8.56 -10.98 4.22
C HIS A 95 -9.31 -12.30 4.25
N GLY A 96 -10.39 -12.39 3.49
CA GLY A 96 -11.33 -13.50 3.65
C GLY A 96 -11.95 -13.47 5.05
N VAL A 97 -11.91 -14.60 5.76
CA VAL A 97 -12.43 -14.64 7.13
C VAL A 97 -11.31 -14.50 8.19
N LEU A 98 -10.18 -13.96 7.78
CA LEU A 98 -9.15 -13.52 8.71
C LEU A 98 -9.37 -12.02 8.97
N TYR A 99 -9.58 -11.63 10.22
CA TYR A 99 -9.90 -10.25 10.56
C TYR A 99 -8.90 -9.71 11.55
N MET A 100 -8.73 -8.39 11.56
CA MET A 100 -8.02 -7.75 12.67
C MET A 100 -8.69 -6.43 12.96
N SER A 101 -8.84 -6.09 14.24
CA SER A 101 -9.48 -4.84 14.63
C SER A 101 -8.54 -4.20 15.61
N LEU A 102 -8.31 -2.90 15.46
CA LEU A 102 -7.45 -2.14 16.38
C LEU A 102 -8.23 -1.02 17.04
N PHE A 103 -8.42 -1.09 18.35
CA PHE A 103 -9.13 -0.05 19.07
C PHE A 103 -8.14 0.71 19.93
N ILE A 104 -8.24 2.02 19.98
CA ILE A 104 -7.30 2.80 20.75
C ILE A 104 -8.08 3.78 21.61
N ARG A 105 -7.53 4.15 22.77
CA ARG A 105 -8.14 5.21 23.59
C ARG A 105 -8.37 6.46 22.71
N ARG A 106 -9.54 7.06 22.82
CA ARG A 106 -9.94 8.08 21.86
C ARG A 106 -9.04 9.31 21.90
N ASP A 107 -8.43 9.59 23.04
CA ASP A 107 -7.57 10.76 23.15
C ASP A 107 -6.20 10.51 22.52
N LEU A 108 -5.96 9.26 22.11
CA LEU A 108 -4.66 8.93 21.52
C LEU A 108 -4.69 8.87 20.00
N ILE A 109 -5.85 9.07 19.37
CA ILE A 109 -5.93 8.99 17.91
C ILE A 109 -5.07 10.06 17.25
N TRP A 110 -4.84 11.17 17.94
CA TRP A 110 -4.06 12.28 17.41
C TRP A 110 -2.58 11.98 17.24
N PHE A 111 -2.09 10.90 17.85
CA PHE A 111 -0.64 10.65 17.84
C PHE A 111 -0.25 9.52 16.90
N CYS A 112 -1.19 9.10 16.06
CA CYS A 112 -0.95 7.97 15.16
C CYS A 112 -0.68 8.44 13.75
N SER A 113 0.17 7.72 13.03
CA SER A 113 0.33 7.96 11.60
C SER A 113 -0.87 7.39 10.92
N GLU A 114 -0.95 7.59 9.62
CA GLU A 114 -1.86 6.84 8.78
C GLU A 114 -1.63 5.35 9.05
N VAL A 115 -2.71 4.56 9.02
CA VAL A 115 -2.59 3.12 9.31
C VAL A 115 -2.56 2.41 8.00
N GLU A 116 -1.64 1.46 7.81
CA GLU A 116 -1.49 0.83 6.51
C GLU A 116 -1.67 -0.67 6.69
N CYS A 117 -2.30 -1.30 5.73
CA CYS A 117 -2.55 -2.74 5.81
CA CYS A 117 -2.59 -2.73 5.79
C CYS A 117 -1.97 -3.46 4.61
N SER A 118 -1.64 -4.74 4.81
CA SER A 118 -1.16 -5.58 3.71
C SER A 118 -1.65 -7.01 3.98
N THR A 119 -1.78 -7.81 2.94
CA THR A 119 -2.20 -9.19 3.11
C THR A 119 -1.30 -10.10 2.32
N VAL A 120 -1.19 -11.34 2.78
CA VAL A 120 -0.48 -12.37 2.03
C VAL A 120 -1.31 -13.64 2.06
N THR A 121 -1.39 -14.34 0.95
CA THR A 121 -2.00 -15.65 1.01
C THR A 121 -0.84 -16.61 0.90
N THR A 122 -0.69 -17.51 1.88
CA THR A 122 0.44 -18.42 1.82
C THR A 122 0.08 -19.81 1.32
N ARG A 123 -1.21 -20.16 1.39
CA ARG A 123 -1.62 -21.47 0.88
C ARG A 123 -3.06 -21.45 0.37
N ILE A 124 -3.26 -21.94 -0.85
CA ILE A 124 -4.60 -22.22 -1.34
C ILE A 124 -4.99 -23.59 -0.87
N VAL A 125 -6.04 -23.66 -0.04
CA VAL A 125 -6.50 -24.95 0.47
C VAL A 125 -7.58 -25.54 -0.43
N SER A 126 -8.48 -24.69 -0.91
CA SER A 126 -9.50 -25.10 -1.85
C SER A 126 -9.99 -23.88 -2.61
N GLN A 127 -11.06 -24.06 -3.38
CA GLN A 127 -11.62 -22.96 -4.15
C GLN A 127 -12.13 -21.87 -3.24
N ILE A 128 -12.54 -22.23 -2.02
CA ILE A 128 -13.15 -21.27 -1.09
C ILE A 128 -12.40 -21.14 0.23
N LYS A 129 -11.16 -21.63 0.29
CA LYS A 129 -10.43 -21.64 1.56
C LYS A 129 -8.93 -21.40 1.35
N THR A 130 -8.33 -20.52 2.16
CA THR A 130 -6.91 -20.23 2.05
C THR A 130 -6.29 -19.99 3.43
N LYS A 131 -4.96 -19.98 3.50
CA LYS A 131 -4.27 -19.65 4.73
C LYS A 131 -3.45 -18.41 4.37
N GLY A 132 -3.26 -17.53 5.35
CA GLY A 132 -2.49 -16.33 5.08
C GLY A 132 -2.41 -15.42 6.27
N ALA A 133 -1.99 -14.20 5.99
CA ALA A 133 -1.64 -13.24 7.00
C ALA A 133 -2.28 -11.89 6.66
N LEU A 134 -2.53 -11.14 7.70
CA LEU A 134 -3.04 -9.78 7.60
C LEU A 134 -2.13 -8.94 8.49
N GLY A 135 -1.51 -7.90 7.93
CA GLY A 135 -0.63 -7.05 8.70
C GLY A 135 -1.17 -5.60 8.70
N ILE A 136 -1.04 -4.94 9.82
CA ILE A 136 -1.47 -3.55 9.96
C ILE A 136 -0.34 -2.85 10.68
N SER A 137 0.11 -1.69 10.19
CA SER A 137 1.20 -0.98 10.83
C SER A 137 0.92 0.52 10.87
N PHE A 138 1.45 1.17 11.89
CA PHE A 138 1.34 2.62 12.03
C PHE A 138 2.43 3.07 12.99
N THR A 139 2.75 4.34 12.97
CA THR A 139 3.69 4.89 13.91
C THR A 139 2.92 5.63 14.98
N PHE A 140 3.34 5.47 16.23
CA PHE A 140 2.70 6.11 17.37
C PHE A 140 3.74 6.99 18.05
N PHE A 141 3.51 8.31 18.03
CA PHE A 141 4.57 9.26 18.32
C PHE A 141 5.75 8.96 17.37
N GLY A 142 6.91 8.57 17.90
CA GLY A 142 8.04 8.26 17.05
C GLY A 142 8.36 6.76 16.91
N THR A 143 7.46 5.91 17.41
CA THR A 143 7.74 4.47 17.49
C THR A 143 6.81 3.69 16.57
N SER A 144 7.36 2.84 15.69
CA SER A 144 6.51 2.18 14.72
C SER A 144 6.10 0.81 15.23
N PHE A 145 4.89 0.39 14.85
CA PHE A 145 4.31 -0.87 15.32
C PHE A 145 3.83 -1.63 14.12
N LEU A 146 3.98 -2.95 14.16
CA LEU A 146 3.47 -3.82 13.12
C LEU A 146 2.74 -4.94 13.85
N PHE A 147 1.49 -5.18 13.47
CA PHE A 147 0.68 -6.27 14.03
C PHE A 147 0.35 -7.21 12.88
N ILE A 148 0.61 -8.50 13.05
CA ILE A 148 0.27 -9.47 12.02
C ILE A 148 -0.58 -10.55 12.67
N THR A 149 -1.71 -10.90 12.05
CA THR A 149 -2.40 -12.10 12.49
C THR A 149 -2.38 -13.08 11.34
N SER A 150 -2.31 -14.39 11.66
CA SER A 150 -2.14 -15.40 10.65
C SER A 150 -2.96 -16.62 10.96
N HIS A 151 -3.24 -17.39 9.91
CA HIS A 151 -3.77 -18.74 10.08
C HIS A 151 -2.80 -19.59 9.28
N PHE A 152 -2.01 -20.45 9.94
CA PHE A 152 -1.00 -21.28 9.25
C PHE A 152 -1.59 -22.61 8.80
N THR A 153 -0.94 -23.25 7.83
CA THR A 153 -1.24 -24.64 7.45
C THR A 153 -1.50 -25.57 8.65
N SER A 154 -2.57 -26.37 8.57
CA SER A 154 -2.98 -27.24 9.67
CA SER A 154 -2.96 -27.23 9.68
C SER A 154 -2.40 -28.66 9.50
N GLY A 155 -2.35 -29.41 10.61
CA GLY A 155 -1.87 -30.79 10.56
C GLY A 155 -0.67 -31.07 11.45
N ASP A 156 -0.71 -32.19 12.16
CA ASP A 156 0.40 -32.58 13.03
C ASP A 156 1.73 -32.63 12.31
N GLY A 157 1.72 -33.23 11.13
CA GLY A 157 2.95 -33.49 10.39
C GLY A 157 3.34 -32.43 9.38
N LYS A 158 2.81 -31.22 9.53
CA LYS A 158 3.05 -30.18 8.52
C LYS A 158 3.94 -29.05 9.01
N VAL A 159 4.90 -29.37 9.89
CA VAL A 159 5.83 -28.35 10.34
C VAL A 159 6.54 -27.69 9.15
N ALA A 160 6.99 -28.48 8.18
CA ALA A 160 7.71 -27.89 7.05
C ALA A 160 6.85 -26.85 6.30
N GLU A 161 5.56 -27.12 6.18
CA GLU A 161 4.66 -26.19 5.50
C GLU A 161 4.47 -24.94 6.34
N ARG A 162 4.43 -25.11 7.68
CA ARG A 162 4.32 -23.94 8.57
C ARG A 162 5.55 -23.06 8.50
N LEU A 163 6.73 -23.68 8.31
CA LEU A 163 7.93 -22.90 8.11
C LEU A 163 7.79 -22.03 6.87
N LEU A 164 7.20 -22.58 5.82
CA LEU A 164 7.02 -21.84 4.58
C LEU A 164 5.97 -20.73 4.75
N ASP A 165 4.99 -20.95 5.63
CA ASP A 165 3.99 -19.91 5.87
C ASP A 165 4.69 -18.71 6.50
N TYR A 166 5.55 -18.99 7.47
CA TYR A 166 6.34 -17.91 8.08
C TYR A 166 7.19 -17.15 7.04
N THR A 167 7.96 -17.88 6.25
CA THR A 167 8.90 -17.27 5.31
CA THR A 167 8.89 -17.23 5.33
C THR A 167 8.16 -16.46 4.23
N ARG A 168 7.13 -17.06 3.65
CA ARG A 168 6.32 -16.37 2.64
C ARG A 168 5.72 -15.05 3.19
N THR A 169 5.28 -15.08 4.45
CA THR A 169 4.70 -13.89 5.04
C THR A 169 5.74 -12.79 5.25
N VAL A 170 6.91 -13.09 5.82
CA VAL A 170 7.84 -11.99 6.09
C VAL A 170 8.47 -11.44 4.78
N GLN A 171 8.52 -12.27 3.74
CA GLN A 171 8.98 -11.85 2.43
C GLN A 171 7.93 -11.06 1.62
N ALA A 172 6.65 -11.22 1.92
CA ALA A 172 5.65 -10.70 1.01
C ALA A 172 4.81 -9.56 1.57
N LEU A 173 4.78 -9.39 2.89
CA LEU A 173 3.97 -8.31 3.45
C LEU A 173 4.57 -6.97 3.00
N VAL A 174 3.79 -6.13 2.33
CA VAL A 174 4.29 -4.87 1.80
C VAL A 174 4.00 -3.73 2.77
N LEU A 175 4.84 -3.63 3.80
CA LEU A 175 4.73 -2.61 4.83
C LEU A 175 6.15 -2.19 5.29
N PRO A 176 6.32 -0.95 5.74
CA PRO A 176 5.36 0.15 5.59
C PRO A 176 5.39 0.64 4.13
N ARG A 177 4.63 1.66 3.78
CA ARG A 177 4.61 2.19 2.40
C ARG A 177 4.66 3.71 2.45
N ASN A 178 3.52 4.36 2.71
CA ASN A 178 3.53 5.83 2.79
C ASN A 178 4.20 6.38 4.03
N VAL A 179 4.20 5.59 5.11
CA VAL A 179 4.75 6.06 6.36
C VAL A 179 6.20 5.60 6.45
N PRO A 180 7.15 6.53 6.66
CA PRO A 180 8.55 6.12 6.58
C PRO A 180 8.94 5.14 7.66
N ASP A 181 9.87 4.24 7.32
CA ASP A 181 10.53 3.38 8.29
C ASP A 181 11.21 4.30 9.31
N THR A 182 11.09 4.00 10.61
CA THR A 182 11.72 4.87 11.61
C THR A 182 13.21 4.65 11.80
N ASN A 183 13.75 3.57 11.24
CA ASN A 183 15.17 3.28 11.39
C ASN A 183 15.60 2.44 10.18
N PRO A 184 15.64 3.05 8.99
CA PRO A 184 15.74 2.23 7.78
C PRO A 184 17.06 1.47 7.68
N TYR A 185 18.15 2.02 8.19
CA TYR A 185 19.44 1.32 8.11
C TYR A 185 19.42 -0.02 8.82
N ARG A 186 18.50 -0.18 9.78
CA ARG A 186 18.35 -1.46 10.49
C ARG A 186 17.46 -2.46 9.77
N SER A 187 16.82 -2.04 8.70
CA SER A 187 15.87 -2.88 7.98
C SER A 187 16.53 -3.79 6.98
N SER A 188 15.90 -4.95 6.82
CA SER A 188 16.30 -5.93 5.82
CA SER A 188 16.32 -5.91 5.81
C SER A 188 15.17 -6.09 4.82
N ALA A 189 15.52 -6.18 3.54
CA ALA A 189 14.52 -6.34 2.49
C ALA A 189 13.75 -7.67 2.61
N ALA A 190 14.40 -8.69 3.17
CA ALA A 190 13.84 -10.03 3.14
C ALA A 190 12.93 -10.36 4.32
N ASP A 191 12.85 -9.48 5.31
CA ASP A 191 12.03 -9.78 6.50
C ASP A 191 11.31 -8.48 6.95
N VAL A 192 10.01 -8.41 6.65
CA VAL A 192 9.19 -7.26 7.03
C VAL A 192 9.26 -6.97 8.54
N THR A 193 9.50 -7.99 9.35
CA THR A 193 9.50 -7.80 10.81
C THR A 193 10.78 -7.10 11.28
N THR A 194 11.73 -6.82 10.38
CA THR A 194 12.89 -6.00 10.74
C THR A 194 12.68 -4.51 10.49
N ARG A 195 11.52 -4.13 9.94
CA ARG A 195 11.29 -2.74 9.47
C ARG A 195 10.54 -1.91 10.49
N PHE A 196 10.32 -2.48 11.68
CA PHE A 196 9.46 -1.84 12.69
C PHE A 196 10.11 -1.90 14.06
N ASP A 197 9.85 -0.89 14.88
CA ASP A 197 10.36 -0.88 16.25
C ASP A 197 9.75 -1.99 17.14
N GLU A 198 8.46 -2.26 16.96
CA GLU A 198 7.74 -3.20 17.86
C GLU A 198 6.86 -4.02 16.97
N VAL A 199 6.98 -5.34 17.06
CA VAL A 199 6.24 -6.21 16.20
C VAL A 199 5.50 -7.28 17.05
N PHE A 200 4.23 -7.49 16.76
CA PHE A 200 3.43 -8.56 17.44
C PHE A 200 2.82 -9.41 16.35
N TRP A 201 3.03 -10.74 16.43
CA TRP A 201 2.51 -11.66 15.42
C TRP A 201 1.73 -12.69 16.24
N PHE A 202 0.44 -12.83 15.99
CA PHE A 202 -0.44 -13.58 16.86
C PHE A 202 -1.41 -14.28 15.96
N GLY A 203 -1.69 -15.54 16.21
CA GLY A 203 -2.61 -16.22 15.33
C GLY A 203 -2.76 -17.67 15.68
N ASP A 204 -3.46 -18.37 14.79
CA ASP A 204 -3.50 -19.82 14.85
C ASP A 204 -2.32 -20.35 14.04
N PHE A 205 -1.18 -20.54 14.70
CA PHE A 205 0.04 -21.00 14.01
C PHE A 205 0.01 -22.53 13.78
N ASN A 206 -0.95 -23.16 14.43
CA ASN A 206 -1.22 -24.57 14.26
C ASN A 206 -0.10 -25.52 14.66
N PHE A 207 0.86 -25.06 15.47
CA PHE A 207 1.86 -26.01 16.01
C PHE A 207 1.28 -26.88 17.11
N ARG A 208 1.68 -28.15 17.11
CA ARG A 208 1.01 -29.10 17.95
C ARG A 208 1.95 -29.65 19.04
N LEU A 209 1.40 -30.41 19.97
CA LEU A 209 2.21 -31.14 20.93
C LEU A 209 2.51 -32.51 20.31
N SER A 210 3.78 -32.88 20.23
CA SER A 210 4.17 -34.16 19.68
CA SER A 210 4.20 -34.16 19.69
C SER A 210 4.00 -35.29 20.70
N GLY A 211 3.99 -36.53 20.24
CA GLY A 211 3.97 -37.66 21.13
C GLY A 211 2.69 -38.47 21.10
N GLY A 212 1.64 -37.88 20.53
CA GLY A 212 0.38 -38.58 20.32
C GLY A 212 -0.64 -38.41 21.42
N ARG A 213 -1.91 -38.68 21.11
CA ARG A 213 -3.02 -38.38 22.00
C ARG A 213 -2.89 -39.09 23.34
N THR A 214 -2.44 -40.34 23.33
CA THR A 214 -2.34 -41.11 24.57
C THR A 214 -1.31 -40.52 25.53
N VAL A 215 -0.14 -40.17 25.02
CA VAL A 215 0.92 -39.62 25.86
C VAL A 215 0.54 -38.23 26.37
N VAL A 216 -0.12 -37.44 25.54
CA VAL A 216 -0.51 -36.10 25.98
C VAL A 216 -1.64 -36.19 27.01
N ASP A 217 -2.57 -37.13 26.80
CA ASP A 217 -3.63 -37.39 27.78
C ASP A 217 -3.07 -37.79 29.13
N ALA A 218 -2.01 -38.59 29.12
CA ALA A 218 -1.38 -39.02 30.36
C ALA A 218 -0.80 -37.82 31.09
N LEU A 219 -0.18 -36.90 30.36
CA LEU A 219 0.43 -35.73 30.98
C LEU A 219 -0.64 -34.78 31.52
N LEU A 220 -1.81 -34.76 30.91
CA LEU A 220 -2.86 -33.85 31.35
C LEU A 220 -3.55 -34.34 32.62
N CYS A 221 -3.28 -35.58 33.04
CA CYS A 221 -3.73 -36.06 34.34
C CYS A 221 -2.70 -35.74 35.42
N VAL A 225 -2.39 -31.97 39.62
CA VAL A 225 -2.05 -30.71 38.98
C VAL A 225 -1.32 -30.98 37.67
N VAL A 226 -1.64 -30.22 36.62
CA VAL A 226 -1.00 -30.41 35.34
C VAL A 226 0.38 -29.77 35.35
N ASP A 227 1.39 -30.56 34.98
CA ASP A 227 2.76 -30.05 34.86
C ASP A 227 2.92 -29.41 33.49
N VAL A 228 2.64 -28.11 33.39
CA VAL A 228 2.65 -27.43 32.10
C VAL A 228 4.05 -27.39 31.48
N PRO A 229 5.08 -27.03 32.26
CA PRO A 229 6.45 -27.09 31.73
C PRO A 229 6.76 -28.44 31.04
N ALA A 230 6.39 -29.55 31.66
CA ALA A 230 6.62 -30.88 31.07
C ALA A 230 5.81 -31.05 29.78
N LEU A 231 4.59 -30.51 29.78
CA LEU A 231 3.76 -30.57 28.60
C LEU A 231 4.44 -29.84 27.47
N LEU A 232 5.00 -28.68 27.77
CA LEU A 232 5.60 -27.80 26.75
C LEU A 232 6.88 -28.38 26.13
N GLN A 233 7.47 -29.36 26.79
CA GLN A 233 8.61 -30.09 26.23
C GLN A 233 8.21 -30.80 24.95
N HIS A 234 6.91 -30.97 24.75
CA HIS A 234 6.42 -31.59 23.52
C HIS A 234 5.99 -30.56 22.47
N ASP A 235 6.03 -29.27 22.78
CA ASP A 235 5.51 -28.28 21.83
C ASP A 235 6.40 -28.08 20.58
N GLN A 236 5.84 -28.20 19.39
CA GLN A 236 6.62 -27.98 18.17
C GLN A 236 7.14 -26.56 17.99
N LEU A 237 6.37 -25.57 18.44
CA LEU A 237 6.75 -24.20 18.14
C LEU A 237 7.97 -23.76 18.94
N ILE A 238 7.99 -24.06 20.24
CA ILE A 238 9.17 -23.76 21.06
C ILE A 238 10.39 -24.49 20.49
N ARG A 239 10.19 -25.73 20.07
CA ARG A 239 11.28 -26.54 19.52
C ARG A 239 11.86 -25.87 18.27
N GLU A 240 10.99 -25.46 17.37
CA GLU A 240 11.42 -24.86 16.12
C GLU A 240 12.03 -23.45 16.33
N MET A 241 11.44 -22.64 17.19
CA MET A 241 12.04 -21.34 17.51
C MET A 241 13.44 -21.51 18.13
N ARG A 242 13.59 -22.53 18.96
CA ARG A 242 14.85 -22.73 19.69
C ARG A 242 15.99 -23.05 18.73
N LYS A 243 15.70 -23.77 17.65
CA LYS A 243 16.78 -24.07 16.71
C LYS A 243 16.87 -23.03 15.59
N GLY A 244 16.02 -22.01 15.65
CA GLY A 244 16.17 -20.85 14.78
C GLY A 244 15.53 -21.01 13.42
N SER A 245 14.69 -22.03 13.25
CA SER A 245 14.09 -22.31 11.94
C SER A 245 12.84 -21.46 11.65
N ILE A 246 12.36 -20.69 12.61
CA ILE A 246 11.13 -19.97 12.40
C ILE A 246 11.04 -18.80 13.38
N PHE A 247 10.30 -17.76 12.99
CA PHE A 247 10.14 -16.55 13.79
C PHE A 247 11.46 -16.00 14.35
N LYS A 248 12.41 -15.81 13.45
CA LYS A 248 13.73 -15.32 13.83
C LYS A 248 13.63 -13.97 14.53
N GLY A 249 14.27 -13.86 15.67
CA GLY A 249 14.23 -12.63 16.42
C GLY A 249 13.04 -12.49 17.35
N PHE A 250 12.06 -13.40 17.29
CA PHE A 250 10.87 -13.27 18.15
C PHE A 250 11.02 -14.01 19.47
N GLN A 251 10.25 -13.55 20.45
CA GLN A 251 10.12 -14.23 21.72
C GLN A 251 8.64 -14.50 22.00
N GLU A 252 8.37 -15.44 22.91
CA GLU A 252 7.00 -15.65 23.38
C GLU A 252 7.02 -15.55 24.91
N PRO A 253 5.97 -14.98 25.53
CA PRO A 253 5.94 -15.05 27.00
C PRO A 253 5.80 -16.49 27.51
N ASP A 254 6.19 -16.71 28.77
CA ASP A 254 6.07 -18.01 29.41
C ASP A 254 4.61 -18.44 29.41
N ILE A 255 4.38 -19.69 29.09
CA ILE A 255 3.06 -20.27 29.11
C ILE A 255 2.75 -20.98 30.42
N HIS A 256 1.67 -20.58 31.07
CA HIS A 256 1.26 -21.23 32.33
C HIS A 256 -0.15 -21.80 32.22
N PHE A 257 -0.77 -21.64 31.05
CA PHE A 257 -2.12 -22.12 30.82
C PHE A 257 -2.12 -23.48 30.09
N LEU A 258 -3.28 -24.14 30.09
CA LEU A 258 -3.46 -25.42 29.41
C LEU A 258 -3.71 -25.24 27.91
N PRO A 259 -3.52 -26.31 27.13
CA PRO A 259 -3.71 -26.21 25.67
C PRO A 259 -5.08 -25.61 25.29
N SER A 260 -5.06 -24.74 24.30
CA SER A 260 -6.24 -23.95 23.95
C SER A 260 -7.06 -24.58 22.82
N TYR A 261 -6.66 -25.77 22.39
CA TYR A 261 -7.32 -26.52 21.32
C TYR A 261 -7.04 -28.01 21.58
N LYS A 262 -7.86 -28.97 21.12
CA LYS A 262 -9.14 -28.78 20.45
C LYS A 262 -10.21 -29.20 21.44
N PHE A 263 -11.22 -28.35 21.61
CA PHE A 263 -12.25 -28.55 22.64
C PHE A 263 -13.55 -28.94 21.96
N ASP A 264 -14.28 -29.85 22.59
CA ASP A 264 -15.68 -30.08 22.23
C ASP A 264 -16.41 -28.75 22.37
N ILE A 265 -17.37 -28.48 21.49
CA ILE A 265 -18.06 -27.18 21.49
C ILE A 265 -18.87 -26.95 22.78
N GLY A 266 -18.62 -25.83 23.46
CA GLY A 266 -19.37 -25.47 24.64
C GLY A 266 -18.93 -26.17 25.91
N LYS A 267 -17.88 -27.00 25.83
CA LYS A 267 -17.43 -27.82 26.95
C LYS A 267 -15.94 -27.61 27.25
N ASP A 268 -15.49 -28.11 28.39
CA ASP A 268 -14.09 -27.99 28.76
C ASP A 268 -13.30 -29.26 28.51
N THR A 269 -13.90 -30.22 27.80
CA THR A 269 -13.26 -31.49 27.52
C THR A 269 -12.62 -31.46 26.13
N TYR A 270 -11.44 -32.05 26.01
CA TYR A 270 -10.73 -32.09 24.73
C TYR A 270 -11.34 -33.12 23.78
N ASP A 271 -11.40 -32.74 22.50
CA ASP A 271 -11.96 -33.56 21.43
C ASP A 271 -12.20 -35.02 21.80
N SER A 272 -13.45 -35.34 22.08
CA SER A 272 -13.83 -36.70 22.40
C SER A 272 -14.47 -37.42 21.21
N THR A 273 -14.17 -36.95 19.99
CA THR A 273 -14.59 -37.68 18.79
C THR A 273 -13.55 -38.73 18.44
N SER A 274 -13.83 -39.53 17.41
CA SER A 274 -12.93 -40.62 17.03
C SER A 274 -11.62 -40.09 16.44
N LYS A 275 -11.60 -38.84 15.99
CA LYS A 275 -10.38 -38.25 15.43
C LYS A 275 -9.31 -38.02 16.51
N GLN A 276 -9.76 -37.86 17.76
CA GLN A 276 -8.86 -37.82 18.92
C GLN A 276 -7.68 -36.86 18.73
N ARG A 277 -7.97 -35.63 18.32
CA ARG A 277 -6.92 -34.64 18.11
C ARG A 277 -6.14 -34.41 19.40
N THR A 278 -4.82 -34.41 19.30
CA THR A 278 -3.98 -34.16 20.47
C THR A 278 -4.16 -32.70 20.93
N PRO A 279 -4.60 -32.49 22.18
CA PRO A 279 -4.66 -31.11 22.70
C PRO A 279 -3.37 -30.37 22.34
N SER A 280 -3.48 -29.11 21.92
CA SER A 280 -2.31 -28.39 21.44
C SER A 280 -2.42 -26.90 21.74
N TYR A 281 -1.26 -26.24 21.75
CA TYR A 281 -1.18 -24.81 21.89
C TYR A 281 -1.11 -24.22 20.48
N THR A 282 -2.24 -24.24 19.76
CA THR A 282 -2.24 -23.77 18.36
C THR A 282 -2.19 -22.23 18.25
N ASP A 283 -2.62 -21.55 19.31
CA ASP A 283 -2.88 -20.13 19.26
C ASP A 283 -1.90 -19.36 20.17
N ARG A 284 -1.13 -18.46 19.58
CA ARG A 284 0.03 -17.90 20.29
C ARG A 284 0.20 -16.45 19.95
N VAL A 285 0.88 -15.74 20.85
CA VAL A 285 1.24 -14.34 20.64
C VAL A 285 2.75 -14.22 20.77
N LEU A 286 3.39 -13.74 19.73
CA LEU A 286 4.85 -13.61 19.70
C LEU A 286 5.21 -12.14 19.51
N TYR A 287 6.38 -11.73 20.00
CA TYR A 287 6.79 -10.33 19.87
C TYR A 287 8.27 -10.17 19.55
N ARG A 288 8.59 -9.09 18.84
CA ARG A 288 9.95 -8.78 18.46
C ARG A 288 10.14 -7.26 18.55
N SER A 289 11.32 -6.81 18.97
CA SER A 289 11.55 -5.37 18.96
C SER A 289 12.95 -5.10 18.40
N ARG A 290 13.09 -3.96 17.73
CA ARG A 290 14.41 -3.50 17.29
C ARG A 290 15.36 -3.27 18.45
N HIS A 291 14.82 -2.76 19.55
CA HIS A 291 15.66 -2.37 20.65
C HIS A 291 15.34 -3.33 21.78
N LYS A 292 16.37 -4.03 22.25
CA LYS A 292 16.21 -5.00 23.32
C LYS A 292 15.50 -4.39 24.51
N GLY A 293 14.50 -5.08 25.04
CA GLY A 293 13.85 -4.63 26.26
C GLY A 293 12.69 -3.66 26.05
N ASP A 294 12.40 -3.30 24.81
CA ASP A 294 11.31 -2.35 24.56
C ASP A 294 9.93 -2.91 24.93
N ILE A 295 9.79 -4.22 24.87
CA ILE A 295 8.48 -4.86 25.09
C ILE A 295 8.54 -5.72 26.33
N CYS A 296 7.65 -5.42 27.28
CA CYS A 296 7.61 -6.16 28.55
CA CYS A 296 7.62 -6.17 28.53
C CYS A 296 6.28 -6.89 28.67
N PRO A 297 6.30 -8.23 28.59
CA PRO A 297 5.03 -8.92 28.78
C PRO A 297 4.57 -8.82 30.21
N VAL A 298 3.29 -8.55 30.42
CA VAL A 298 2.75 -8.45 31.76
C VAL A 298 1.93 -9.71 32.07
N SER A 299 1.22 -10.22 31.09
CA SER A 299 0.41 -11.40 31.31
C SER A 299 0.17 -12.12 30.00
N TYR A 300 -0.01 -13.45 30.05
CA TYR A 300 -0.22 -14.24 28.83
C TYR A 300 -1.13 -15.40 29.22
N SER A 301 -2.29 -15.50 28.58
CA SER A 301 -3.25 -16.50 29.05
C SER A 301 -4.29 -16.81 28.00
N SER A 302 -5.11 -17.83 28.28
CA SER A 302 -6.25 -18.13 27.45
C SER A 302 -7.49 -17.67 28.22
N CYS A 303 -8.61 -17.57 27.52
CA CYS A 303 -9.87 -17.18 28.14
CA CYS A 303 -9.85 -17.17 28.14
C CYS A 303 -10.78 -18.38 28.19
N PRO A 304 -10.78 -19.10 29.32
CA PRO A 304 -11.50 -20.39 29.35
C PRO A 304 -13.01 -20.23 29.33
N GLY A 305 -13.53 -19.04 29.62
CA GLY A 305 -14.97 -18.83 29.66
C GLY A 305 -15.62 -18.63 28.31
N ILE A 306 -14.81 -18.47 27.25
CA ILE A 306 -15.36 -18.30 25.91
C ILE A 306 -15.32 -19.67 25.25
N LYS A 307 -16.48 -20.24 25.02
CA LYS A 307 -16.56 -21.67 24.68
C LYS A 307 -17.38 -21.94 23.42
N THR A 308 -17.66 -20.91 22.62
CA THR A 308 -18.43 -21.10 21.40
C THR A 308 -17.65 -21.79 20.27
N SER A 309 -16.34 -21.86 20.40
CA SER A 309 -15.50 -22.42 19.34
C SER A 309 -14.64 -23.57 19.90
N ASP A 310 -14.06 -24.41 19.04
CA ASP A 310 -13.13 -25.45 19.52
C ASP A 310 -11.79 -24.88 20.05
N HIS A 311 -11.51 -23.61 19.77
CA HIS A 311 -10.33 -22.94 20.29
C HIS A 311 -10.74 -21.97 21.39
N ARG A 312 -9.96 -21.86 22.46
CA ARG A 312 -10.09 -20.71 23.37
C ARG A 312 -9.29 -19.52 22.82
N PRO A 313 -9.79 -18.30 23.04
CA PRO A 313 -8.98 -17.11 22.75
C PRO A 313 -7.71 -17.11 23.60
N VAL A 314 -6.64 -16.57 23.05
CA VAL A 314 -5.38 -16.40 23.76
C VAL A 314 -5.00 -14.91 23.67
N TYR A 315 -4.56 -14.31 24.77
CA TYR A 315 -4.21 -12.89 24.73
C TYR A 315 -2.95 -12.65 25.55
N GLY A 316 -2.25 -11.56 25.25
CA GLY A 316 -1.15 -11.10 26.06
C GLY A 316 -1.35 -9.63 26.39
N LEU A 317 -0.97 -9.25 27.60
CA LEU A 317 -0.90 -7.85 27.99
C LEU A 317 0.56 -7.49 27.97
N PHE A 318 0.89 -6.34 27.40
CA PHE A 318 2.28 -5.91 27.33
C PHE A 318 2.41 -4.45 27.72
N ARG A 319 3.59 -4.07 28.21
CA ARG A 319 3.93 -2.66 28.29
CA ARG A 319 3.97 -2.67 28.33
C ARG A 319 5.04 -2.39 27.28
N VAL A 320 4.84 -1.35 26.44
CA VAL A 320 5.79 -1.12 25.36
C VAL A 320 6.35 0.30 25.46
N LYS A 321 7.66 0.45 25.35
CA LYS A 321 8.30 1.75 25.40
C LYS A 321 8.01 2.54 24.12
N VAL A 322 7.79 3.84 24.25
CA VAL A 322 7.61 4.68 23.06
CA VAL A 322 7.54 4.72 23.09
C VAL A 322 8.48 5.93 23.19
N ARG A 323 8.86 6.50 22.04
CA ARG A 323 9.78 7.64 21.99
C ARG A 323 9.13 8.80 21.23
N PRO A 324 9.58 10.04 21.47
CA PRO A 324 9.00 11.18 20.75
C PRO A 324 9.19 11.05 19.24
N GLY A 325 8.33 11.72 18.47
CA GLY A 325 8.40 11.71 17.03
C GLY A 325 8.30 13.10 16.40
N ARG A 326 7.99 13.14 15.11
CA ARG A 326 7.81 14.38 14.39
C ARG A 326 6.56 14.31 13.52
N ASP A 327 6.07 15.49 13.13
CA ASP A 327 4.81 15.61 12.41
C ASP A 327 4.90 15.52 10.89
N ASN A 328 6.11 15.44 10.36
CA ASN A 328 6.27 15.42 8.91
C ASN A 328 6.13 13.99 8.37
N ILE A 329 5.08 13.30 8.83
CA ILE A 329 4.71 12.02 8.25
C ILE A 329 3.22 12.09 7.97
N PRO A 330 2.69 11.14 7.20
CA PRO A 330 1.23 11.15 7.01
C PRO A 330 0.51 10.80 8.32
N LEU A 331 -0.42 11.66 8.74
CA LEU A 331 -1.05 11.57 10.07
C LEU A 331 -2.50 11.06 10.05
N ALA A 332 -2.89 10.34 11.08
CA ALA A 332 -4.29 9.92 11.24
C ALA A 332 -5.12 11.18 11.53
N ALA A 333 -4.63 12.01 12.44
CA ALA A 333 -5.25 13.30 12.72
C ALA A 333 -6.76 13.13 12.91
N GLY A 334 -7.13 12.20 13.78
CA GLY A 334 -8.50 12.08 14.20
C GLY A 334 -9.33 11.21 13.29
N LYS A 335 -8.67 10.35 12.52
CA LYS A 335 -9.40 9.50 11.59
C LYS A 335 -9.74 8.16 12.26
N PHE A 336 -11.00 7.76 12.22
CA PHE A 336 -11.41 6.52 12.88
C PHE A 336 -12.79 6.15 12.38
N ASP A 337 -13.27 4.96 12.71
CA ASP A 337 -14.59 4.54 12.22
C ASP A 337 -15.73 5.18 13.04
N ARG A 338 -16.18 6.35 12.60
CA ARG A 338 -17.18 7.10 13.34
C ARG A 338 -18.56 6.43 13.34
N GLU A 339 -18.89 5.74 12.26
CA GLU A 339 -20.18 5.06 12.17
C GLU A 339 -20.23 3.94 13.23
N LEU A 340 -19.14 3.21 13.34
CA LEU A 340 -19.06 2.13 14.31
C LEU A 340 -19.14 2.67 15.72
N TYR A 341 -18.43 3.76 15.97
CA TYR A 341 -18.42 4.40 17.27
C TYR A 341 -19.85 4.77 17.67
N LEU A 342 -20.58 5.35 16.73
CA LEU A 342 -21.96 5.74 17.01
C LEU A 342 -22.84 4.51 17.25
N LEU A 343 -22.65 3.45 16.48
CA LEU A 343 -23.41 2.22 16.69
C LEU A 343 -23.18 1.67 18.10
N GLY A 344 -21.95 1.73 18.58
CA GLY A 344 -21.61 1.28 19.92
C GLY A 344 -22.31 2.11 20.98
N ILE A 345 -22.30 3.44 20.80
CA ILE A 345 -23.07 4.30 21.68
C ILE A 345 -24.53 3.86 21.67
N LYS A 346 -25.08 3.66 20.48
CA LYS A 346 -26.51 3.35 20.35
C LYS A 346 -26.86 2.06 21.11
N ARG A 347 -25.99 1.05 21.00
CA ARG A 347 -26.21 -0.25 21.64
C ARG A 347 -26.18 -0.14 23.15
N ARG A 348 -25.28 0.69 23.66
CA ARG A 348 -25.16 0.87 25.09
C ARG A 348 -26.35 1.60 25.69
N ILE A 349 -26.98 2.46 24.91
CA ILE A 349 -28.23 3.11 25.34
C ILE A 349 -29.33 2.06 25.46
N SER A 350 -29.34 1.11 24.55
CA SER A 350 -30.37 0.07 24.49
C SER A 350 -30.29 -0.93 25.64
N ALA A 351 -29.07 -1.31 26.00
CA ALA A 351 -28.84 -2.33 27.02
C ALA A 351 -28.56 -1.69 28.38
N GLY B 9 -19.63 35.66 -23.27
CA GLY B 9 -19.75 34.21 -22.91
C GLY B 9 -18.89 33.84 -21.72
N ALA B 10 -19.16 32.68 -21.13
CA ALA B 10 -18.39 32.17 -19.99
C ALA B 10 -16.93 31.98 -20.38
N LEU B 11 -16.02 32.20 -19.44
CA LEU B 11 -14.61 32.00 -19.71
C LEU B 11 -14.35 30.61 -20.29
N LEU B 12 -15.02 29.59 -19.77
CA LEU B 12 -14.75 28.21 -20.18
C LEU B 12 -15.81 27.68 -21.14
N GLY B 13 -16.59 28.58 -21.72
CA GLY B 13 -17.73 28.22 -22.56
C GLY B 13 -17.44 27.92 -24.02
N ALA B 14 -18.50 27.80 -24.81
CA ALA B 14 -18.42 27.25 -26.16
C ALA B 14 -17.82 28.25 -27.15
N ASP B 15 -18.14 29.52 -26.99
CA ASP B 15 -17.60 30.53 -27.89
C ASP B 15 -16.11 30.65 -27.68
N GLU B 16 -15.68 30.62 -26.43
CA GLU B 16 -14.28 30.68 -26.11
C GLU B 16 -13.56 29.43 -26.66
N LEU B 17 -14.18 28.26 -26.50
CA LEU B 17 -13.60 27.03 -27.03
C LEU B 17 -13.50 27.10 -28.56
N ALA B 18 -14.51 27.69 -29.20
CA ALA B 18 -14.52 27.88 -30.64
C ALA B 18 -13.33 28.72 -31.13
N ARG B 19 -13.01 29.79 -30.41
CA ARG B 19 -11.89 30.64 -30.77
C ARG B 19 -10.57 29.88 -30.77
N TYR B 20 -10.30 29.18 -29.67
CA TYR B 20 -9.00 28.54 -29.50
C TYR B 20 -8.92 27.15 -30.15
N PHE B 21 -10.03 26.45 -30.27
CA PHE B 21 -10.03 25.05 -30.76
C PHE B 21 -11.19 24.74 -31.71
N PRO B 22 -11.09 25.22 -32.95
CA PRO B 22 -12.18 25.04 -33.94
C PRO B 22 -12.66 23.60 -34.11
N ASP B 23 -11.75 22.61 -34.07
CA ASP B 23 -12.19 21.22 -34.23
C ASP B 23 -12.26 20.53 -32.87
N ARG B 24 -12.12 21.32 -31.81
CA ARG B 24 -12.28 20.86 -30.45
C ARG B 24 -11.33 19.72 -30.09
N ASN B 25 -10.11 19.76 -30.62
CA ASN B 25 -9.08 18.79 -30.25
C ASN B 25 -7.87 19.51 -29.71
N VAL B 26 -7.42 19.11 -28.52
CA VAL B 26 -6.20 19.66 -27.94
C VAL B 26 -5.02 18.72 -28.29
N ALA B 27 -3.85 19.29 -28.55
CA ALA B 27 -2.68 18.51 -28.97
C ALA B 27 -1.84 18.28 -27.74
N LEU B 28 -1.65 17.02 -27.35
CA LEU B 28 -0.95 16.70 -26.10
C LEU B 28 0.31 15.87 -26.36
N PHE B 29 1.39 16.19 -25.63
CA PHE B 29 2.65 15.44 -25.67
C PHE B 29 2.81 14.87 -24.26
N VAL B 30 2.94 13.55 -24.15
CA VAL B 30 3.12 12.88 -22.85
C VAL B 30 4.39 12.06 -22.95
N ALA B 31 5.28 12.16 -21.98
CA ALA B 31 6.53 11.44 -22.06
C ALA B 31 6.95 10.94 -20.72
N THR B 32 7.75 9.88 -20.75
CA THR B 32 8.25 9.30 -19.54
C THR B 32 9.74 9.00 -19.78
N TRP B 33 10.55 9.33 -18.78
CA TRP B 33 11.97 9.05 -18.88
C TRP B 33 12.52 8.65 -17.52
N ASN B 34 13.14 7.48 -17.47
CA ASN B 34 13.88 7.09 -16.27
C ASN B 34 15.34 7.52 -16.43
N MET B 35 15.79 8.42 -15.56
CA MET B 35 17.11 9.04 -15.69
C MET B 35 18.24 8.28 -14.99
N GLN B 36 17.93 7.15 -14.35
CA GLN B 36 18.96 6.42 -13.61
C GLN B 36 19.76 7.40 -12.72
N GLY B 37 19.08 8.45 -12.25
CA GLY B 37 19.65 9.39 -11.30
C GLY B 37 20.95 10.04 -11.75
N GLN B 38 21.10 10.21 -13.06
CA GLN B 38 22.32 10.78 -13.61
C GLN B 38 22.31 12.28 -13.32
N LYS B 39 23.47 12.83 -12.98
CA LYS B 39 23.60 14.24 -12.61
C LYS B 39 23.59 15.19 -13.81
N GLU B 40 24.31 14.84 -14.88
CA GLU B 40 24.44 15.71 -16.05
C GLU B 40 23.40 15.47 -17.15
N LEU B 41 22.53 16.45 -17.32
CA LEU B 41 21.47 16.37 -18.32
C LEU B 41 22.06 16.47 -19.73
N PRO B 42 21.30 16.00 -20.74
CA PRO B 42 21.75 16.13 -22.13
C PRO B 42 21.95 17.60 -22.50
N PRO B 43 22.95 17.92 -23.33
CA PRO B 43 23.13 19.35 -23.64
C PRO B 43 21.94 19.94 -24.39
N SER B 44 21.15 19.12 -25.06
CA SER B 44 19.98 19.60 -25.79
C SER B 44 18.78 18.69 -25.60
N LEU B 45 17.65 19.31 -25.26
CA LEU B 45 16.40 18.57 -25.16
C LEU B 45 15.51 18.87 -26.37
N ASP B 46 16.04 19.54 -27.37
CA ASP B 46 15.24 19.92 -28.54
C ASP B 46 14.58 18.73 -29.21
N GLU B 47 15.38 17.71 -29.51
CA GLU B 47 14.87 16.60 -30.27
C GLU B 47 13.80 15.89 -29.43
N PHE B 48 14.00 15.84 -28.11
CA PHE B 48 13.04 15.20 -27.21
C PHE B 48 11.69 15.93 -27.24
N LEU B 49 11.68 17.22 -26.98
CA LEU B 49 10.43 17.97 -26.87
C LEU B 49 9.86 18.40 -28.22
N LEU B 50 10.68 18.36 -29.27
CA LEU B 50 10.19 18.76 -30.59
C LEU B 50 10.45 17.64 -31.59
N PRO B 51 9.67 16.56 -31.49
CA PRO B 51 9.89 15.43 -32.38
C PRO B 51 9.71 15.86 -33.84
N ALA B 52 10.51 15.27 -34.71
CA ALA B 52 10.50 15.62 -36.11
C ALA B 52 9.16 15.28 -36.78
N GLU B 53 8.48 14.24 -36.31
CA GLU B 53 7.25 13.79 -36.95
C GLU B 53 6.05 14.68 -36.64
N ALA B 54 6.17 15.58 -35.67
CA ALA B 54 5.08 16.49 -35.32
C ALA B 54 5.19 17.78 -36.15
N ASP B 55 4.20 18.04 -37.00
CA ASP B 55 4.23 19.26 -37.79
C ASP B 55 3.28 20.34 -37.22
N TYR B 56 3.15 20.36 -35.90
CA TYR B 56 2.32 21.35 -35.21
C TYR B 56 2.86 21.54 -33.78
N ALA B 57 2.57 22.70 -33.19
CA ALA B 57 2.98 22.97 -31.80
C ALA B 57 2.07 22.18 -30.86
N GLN B 58 2.63 21.64 -29.77
CA GLN B 58 1.77 20.98 -28.77
C GLN B 58 1.07 22.04 -27.93
N ASP B 59 -0.12 21.74 -27.44
CA ASP B 59 -0.81 22.66 -26.56
C ASP B 59 -0.38 22.41 -25.11
N LEU B 60 -0.10 21.15 -24.82
CA LEU B 60 0.24 20.75 -23.45
C LEU B 60 1.35 19.70 -23.48
N TYR B 61 2.34 19.86 -22.60
CA TYR B 61 3.43 18.89 -22.46
C TYR B 61 3.37 18.36 -21.04
N VAL B 62 3.38 17.04 -20.88
CA VAL B 62 3.40 16.47 -19.53
C VAL B 62 4.56 15.48 -19.53
N ILE B 63 5.49 15.66 -18.60
CA ILE B 63 6.72 14.91 -18.63
C ILE B 63 6.89 14.27 -17.26
N GLY B 64 6.88 12.95 -17.21
CA GLY B 64 7.10 12.22 -15.96
C GLY B 64 8.51 11.64 -15.98
N VAL B 65 9.22 11.83 -14.89
CA VAL B 65 10.57 11.29 -14.74
C VAL B 65 10.63 10.36 -13.53
N GLN B 66 11.28 9.21 -13.70
CA GLN B 66 11.64 8.32 -12.59
C GLN B 66 13.14 8.38 -12.37
N GLU B 67 13.58 8.08 -11.14
CA GLU B 67 14.98 8.15 -10.75
C GLU B 67 15.56 9.49 -11.25
N GLY B 68 14.83 10.55 -10.97
CA GLY B 68 15.20 11.89 -11.41
C GLY B 68 16.56 12.31 -10.91
N CYS B 69 17.18 13.22 -11.66
CA CYS B 69 18.37 13.91 -11.20
C CYS B 69 18.01 14.69 -9.97
N SER B 70 18.91 14.74 -9.00
CA SER B 70 18.69 15.43 -7.73
C SER B 70 18.28 16.91 -7.87
N ASP B 71 18.73 17.60 -8.92
CA ASP B 71 18.40 19.02 -9.06
C ASP B 71 17.11 19.24 -9.87
N ARG B 72 15.98 19.02 -9.21
CA ARG B 72 14.66 19.13 -9.82
C ARG B 72 14.40 20.50 -10.46
N ARG B 73 14.85 21.55 -9.79
CA ARG B 73 14.65 22.91 -10.27
C ARG B 73 15.43 23.14 -11.57
N GLU B 74 16.60 22.51 -11.68
CA GLU B 74 17.42 22.66 -12.88
C GLU B 74 16.76 21.95 -14.05
N TRP B 75 16.25 20.75 -13.82
CA TRP B 75 15.50 20.02 -14.85
C TRP B 75 14.32 20.85 -15.36
N GLU B 76 13.52 21.39 -14.46
CA GLU B 76 12.34 22.16 -14.92
C GLU B 76 12.77 23.49 -15.57
N THR B 77 13.94 24.01 -15.17
CA THR B 77 14.45 25.21 -15.82
C THR B 77 14.83 24.90 -17.26
N ARG B 78 15.45 23.73 -17.48
CA ARG B 78 15.87 23.31 -18.81
C ARG B 78 14.66 23.07 -19.69
N LEU B 79 13.63 22.49 -19.11
CA LEU B 79 12.38 22.30 -19.83
C LEU B 79 11.77 23.64 -20.21
N GLN B 80 11.75 24.58 -19.27
CA GLN B 80 11.16 25.89 -19.58
C GLN B 80 12.01 26.62 -20.66
N GLU B 81 13.32 26.46 -20.57
CA GLU B 81 14.25 27.11 -21.51
C GLU B 81 14.05 26.53 -22.91
N THR B 82 13.91 25.21 -23.00
CA THR B 82 13.74 24.57 -24.29
C THR B 82 12.40 24.94 -24.93
N LEU B 83 11.33 24.83 -24.16
CA LEU B 83 10.01 25.14 -24.70
C LEU B 83 9.89 26.64 -25.05
N GLY B 84 10.53 27.49 -24.26
CA GLY B 84 10.54 28.91 -24.53
C GLY B 84 9.34 29.65 -23.94
N PRO B 85 9.28 30.97 -24.15
CA PRO B 85 8.26 31.80 -23.49
C PRO B 85 6.82 31.62 -24.01
N HIS B 86 6.59 30.77 -25.00
CA HIS B 86 5.19 30.46 -25.34
C HIS B 86 4.55 29.47 -24.35
N TYR B 87 5.33 28.92 -23.43
CA TYR B 87 4.82 27.90 -22.49
C TYR B 87 5.09 28.35 -21.07
N VAL B 88 4.18 28.01 -20.16
CA VAL B 88 4.34 28.26 -18.74
C VAL B 88 4.07 26.92 -17.97
N LEU B 89 4.64 26.80 -16.78
CA LEU B 89 4.59 25.58 -16.02
C LEU B 89 3.30 25.66 -15.24
N LEU B 90 2.31 24.89 -15.67
CA LEU B 90 0.98 24.92 -15.09
C LEU B 90 1.03 24.27 -13.73
N SER B 91 1.80 23.21 -13.62
CA SER B 91 1.99 22.58 -12.33
C SER B 91 3.19 21.64 -12.33
N SER B 92 3.76 21.38 -11.16
CA SER B 92 4.74 20.32 -11.09
C SER B 92 4.64 19.67 -9.73
N ALA B 93 5.14 18.46 -9.63
CA ALA B 93 5.07 17.75 -8.36
C ALA B 93 6.21 16.74 -8.32
N ALA B 94 6.50 16.23 -7.13
CA ALA B 94 7.61 15.34 -6.92
C ALA B 94 7.24 14.48 -5.74
N HIS B 95 7.67 13.24 -5.79
CA HIS B 95 7.52 12.30 -4.70
C HIS B 95 8.86 11.60 -4.68
N GLY B 96 9.79 12.08 -3.87
CA GLY B 96 11.15 11.60 -3.90
C GLY B 96 11.80 12.05 -5.20
N VAL B 97 12.35 11.12 -5.97
CA VAL B 97 12.92 11.47 -7.29
C VAL B 97 11.99 11.09 -8.43
N LEU B 98 10.72 10.90 -8.12
CA LEU B 98 9.68 10.78 -9.13
C LEU B 98 9.11 12.20 -9.35
N TYR B 99 9.18 12.70 -10.58
CA TYR B 99 8.81 14.09 -10.90
C TYR B 99 7.73 14.13 -11.98
N MET B 100 6.87 15.13 -11.96
CA MET B 100 6.01 15.36 -13.12
C MET B 100 5.97 16.88 -13.34
N SER B 101 6.07 17.29 -14.60
CA SER B 101 6.04 18.71 -14.95
C SER B 101 4.98 18.88 -16.03
N LEU B 102 4.08 19.86 -15.89
CA LEU B 102 3.03 20.10 -16.89
C LEU B 102 3.23 21.51 -17.42
N PHE B 103 3.56 21.64 -18.71
CA PHE B 103 3.75 22.95 -19.34
C PHE B 103 2.61 23.14 -20.32
N ILE B 104 1.99 24.31 -20.35
CA ILE B 104 0.88 24.51 -21.25
C ILE B 104 1.13 25.80 -22.04
N ARG B 105 0.58 25.92 -23.26
CA ARG B 105 0.68 27.18 -23.99
C ARG B 105 0.15 28.33 -23.14
N ARG B 106 0.85 29.47 -23.14
CA ARG B 106 0.55 30.48 -22.14
C ARG B 106 -0.83 31.09 -22.35
N ASP B 107 -1.32 31.10 -23.59
CA ASP B 107 -2.65 31.65 -23.85
C ASP B 107 -3.77 30.70 -23.38
N LEU B 108 -3.42 29.50 -22.93
CA LEU B 108 -4.44 28.54 -22.49
C LEU B 108 -4.58 28.43 -20.97
N ILE B 109 -3.73 29.13 -20.23
CA ILE B 109 -3.79 29.02 -18.78
C ILE B 109 -5.16 29.44 -18.25
N TRP B 110 -5.85 30.30 -19.00
CA TRP B 110 -7.13 30.86 -18.56
C TRP B 110 -8.27 29.85 -18.53
N PHE B 111 -8.10 28.73 -19.22
CA PHE B 111 -9.16 27.73 -19.37
C PHE B 111 -8.99 26.52 -18.44
N CYS B 112 -8.05 26.63 -17.51
CA CYS B 112 -7.73 25.53 -16.59
C CYS B 112 -8.34 25.74 -15.22
N SER B 113 -8.83 24.67 -14.59
CA SER B 113 -9.22 24.71 -13.19
C SER B 113 -7.94 24.74 -12.37
N GLU B 114 -8.09 24.89 -11.06
CA GLU B 114 -6.99 24.60 -10.13
C GLU B 114 -6.46 23.20 -10.43
N VAL B 115 -5.15 23.02 -10.29
CA VAL B 115 -4.51 21.74 -10.58
C VAL B 115 -4.31 21.03 -9.25
N GLU B 116 -4.75 19.79 -9.16
CA GLU B 116 -4.67 19.04 -7.92
C GLU B 116 -3.71 17.86 -8.06
N CYS B 117 -3.01 17.55 -6.98
CA CYS B 117 -1.96 16.53 -6.99
CA CYS B 117 -1.99 16.51 -7.00
C CYS B 117 -2.17 15.54 -5.85
N SER B 118 -1.72 14.31 -6.05
CA SER B 118 -1.79 13.29 -5.02
C SER B 118 -0.66 12.31 -5.28
N THR B 119 -0.17 11.67 -4.24
CA THR B 119 0.92 10.72 -4.42
C THR B 119 0.64 9.48 -3.63
N VAL B 120 1.28 8.39 -4.04
CA VAL B 120 1.21 7.19 -3.26
C VAL B 120 2.51 6.41 -3.43
N THR B 121 2.93 5.76 -2.36
CA THR B 121 4.07 4.85 -2.40
C THR B 121 3.51 3.45 -2.40
N THR B 122 3.93 2.61 -3.35
CA THR B 122 3.42 1.25 -3.39
C THR B 122 4.42 0.26 -2.77
N ARG B 123 5.68 0.68 -2.67
CA ARG B 123 6.69 -0.18 -2.09
C ARG B 123 7.91 0.63 -1.67
N ILE B 124 8.48 0.29 -0.54
CA ILE B 124 9.78 0.81 -0.16
C ILE B 124 10.82 -0.21 -0.59
N VAL B 125 11.87 0.22 -1.28
CA VAL B 125 12.98 -0.68 -1.62
C VAL B 125 14.36 -0.04 -1.29
N SER B 126 15.38 -0.87 -1.17
CA SER B 126 16.72 -0.41 -0.78
C SER B 126 16.65 0.46 0.48
N GLN B 127 15.77 0.07 1.38
CA GLN B 127 15.64 0.68 2.71
C GLN B 127 15.00 2.08 2.73
N ILE B 128 15.38 2.98 1.82
CA ILE B 128 14.90 4.36 1.88
C ILE B 128 14.39 4.91 0.54
N LYS B 129 14.43 4.08 -0.50
CA LYS B 129 13.92 4.49 -1.80
C LYS B 129 12.49 3.98 -1.97
N THR B 130 11.73 4.62 -2.85
CA THR B 130 10.33 4.28 -3.00
C THR B 130 9.98 3.95 -4.44
N LYS B 131 9.07 3.01 -4.62
CA LYS B 131 8.32 2.86 -5.85
C LYS B 131 6.92 3.43 -5.61
N GLY B 132 6.37 4.16 -6.60
CA GLY B 132 5.08 4.78 -6.35
C GLY B 132 4.58 5.57 -7.55
N ALA B 133 3.64 6.49 -7.28
CA ALA B 133 2.90 7.15 -8.32
C ALA B 133 2.74 8.61 -7.91
N LEU B 134 2.66 9.46 -8.93
CA LEU B 134 2.37 10.88 -8.76
C LEU B 134 1.21 11.15 -9.72
N GLY B 135 0.12 11.71 -9.20
CA GLY B 135 -1.05 11.98 -10.04
C GLY B 135 -1.31 13.49 -10.01
N ILE B 136 -1.65 14.07 -11.16
CA ILE B 136 -1.97 15.49 -11.26
C ILE B 136 -3.22 15.61 -12.12
N SER B 137 -4.18 16.41 -11.72
CA SER B 137 -5.41 16.45 -12.49
C SER B 137 -5.95 17.86 -12.55
N PHE B 138 -6.68 18.16 -13.62
CA PHE B 138 -7.34 19.45 -13.73
C PHE B 138 -8.36 19.31 -14.84
N THR B 139 -9.27 20.27 -14.86
CA THR B 139 -10.29 20.35 -15.88
C THR B 139 -9.91 21.48 -16.84
N PHE B 140 -10.12 21.25 -18.13
CA PHE B 140 -9.75 22.19 -19.18
C PHE B 140 -11.03 22.42 -19.95
N PHE B 141 -11.55 23.66 -19.99
CA PHE B 141 -12.90 23.92 -20.43
C PHE B 141 -13.79 23.01 -19.58
N GLY B 142 -14.57 22.13 -20.21
CA GLY B 142 -15.43 21.23 -19.48
C GLY B 142 -14.92 19.79 -19.36
N THR B 143 -13.69 19.55 -19.78
CA THR B 143 -13.12 18.20 -19.90
C THR B 143 -12.03 17.95 -18.84
N SER B 144 -12.19 16.92 -18.02
CA SER B 144 -11.21 16.64 -16.95
C SER B 144 -10.10 15.69 -17.38
N PHE B 145 -8.88 15.97 -16.91
CA PHE B 145 -7.69 15.22 -17.29
C PHE B 145 -7.02 14.71 -16.02
N LEU B 146 -6.52 13.47 -16.08
CA LEU B 146 -5.72 12.92 -15.02
C LEU B 146 -4.44 12.40 -15.65
N PHE B 147 -3.31 12.77 -15.09
CA PHE B 147 -2.02 12.30 -15.57
C PHE B 147 -1.36 11.59 -14.41
N ILE B 148 -0.86 10.37 -14.63
CA ILE B 148 -0.22 9.65 -13.53
C ILE B 148 1.11 9.16 -14.04
N THR B 149 2.19 9.40 -13.31
CA THR B 149 3.45 8.78 -13.70
C THR B 149 3.87 7.86 -12.55
N SER B 150 4.46 6.71 -12.87
CA SER B 150 4.80 5.71 -11.87
C SER B 150 6.18 5.10 -12.11
N HIS B 151 6.72 4.53 -11.05
CA HIS B 151 7.86 3.63 -11.15
C HIS B 151 7.36 2.35 -10.45
N PHE B 152 7.14 1.28 -11.21
CA PHE B 152 6.69 -0.01 -10.63
C PHE B 152 7.85 -0.88 -10.11
N THR B 153 7.51 -1.84 -9.25
CA THR B 153 8.44 -2.87 -8.76
C THR B 153 9.23 -3.49 -9.88
N SER B 154 10.54 -3.67 -9.69
CA SER B 154 11.40 -4.22 -10.74
C SER B 154 11.69 -5.70 -10.54
N GLY B 155 12.22 -6.35 -11.57
CA GLY B 155 12.62 -7.75 -11.47
C GLY B 155 11.78 -8.63 -12.39
N ASP B 156 12.38 -9.65 -13.00
N ASP B 156 12.45 -9.64 -12.94
CA ASP B 156 11.70 -10.30 -14.11
CA ASP B 156 11.79 -10.68 -13.68
C ASP B 156 10.47 -11.15 -13.71
C ASP B 156 10.94 -11.47 -12.70
N GLY B 157 10.54 -11.80 -12.55
N GLY B 157 9.81 -11.98 -13.19
CA GLY B 157 9.47 -12.70 -12.14
CA GLY B 157 8.98 -12.83 -12.38
C GLY B 157 8.48 -12.06 -11.17
C GLY B 157 8.35 -12.09 -11.21
N LYS B 158 8.28 -10.76 -11.30
CA LYS B 158 7.52 -9.98 -10.32
C LYS B 158 6.19 -9.46 -10.89
N VAL B 159 5.57 -10.23 -11.76
CA VAL B 159 4.34 -9.76 -12.36
C VAL B 159 3.26 -9.51 -11.28
N ALA B 160 3.16 -10.41 -10.30
CA ALA B 160 2.16 -10.21 -9.25
C ALA B 160 2.40 -8.89 -8.52
N GLU B 161 3.66 -8.58 -8.26
CA GLU B 161 3.99 -7.37 -7.55
C GLU B 161 3.56 -6.14 -8.37
N ARG B 162 3.77 -6.18 -9.68
CA ARG B 162 3.36 -5.03 -10.52
C ARG B 162 1.83 -4.89 -10.64
N LEU B 163 1.11 -6.01 -10.65
CA LEU B 163 -0.35 -5.94 -10.63
C LEU B 163 -0.80 -5.24 -9.36
N LEU B 164 -0.08 -5.48 -8.28
CA LEU B 164 -0.39 -4.87 -7.01
C LEU B 164 -0.06 -3.37 -7.00
N ASP B 165 1.01 -2.98 -7.68
CA ASP B 165 1.35 -1.57 -7.78
C ASP B 165 0.18 -0.87 -8.46
N TYR B 166 -0.37 -1.51 -9.48
CA TYR B 166 -1.50 -0.97 -10.21
C TYR B 166 -2.76 -0.80 -9.35
N THR B 167 -3.18 -1.89 -8.71
N THR B 167 -3.21 -1.88 -8.70
CA THR B 167 -4.38 -1.87 -7.89
CA THR B 167 -4.44 -1.79 -7.92
C THR B 167 -4.26 -0.83 -6.78
C THR B 167 -4.27 -0.82 -6.76
N ARG B 168 -3.11 -0.85 -6.11
CA ARG B 168 -2.85 0.04 -5.00
C ARG B 168 -2.90 1.52 -5.44
N THR B 169 -2.37 1.80 -6.61
CA THR B 169 -2.40 3.17 -7.11
C THR B 169 -3.83 3.65 -7.38
N VAL B 170 -4.65 2.84 -8.05
CA VAL B 170 -5.95 3.36 -8.46
C VAL B 170 -6.84 3.52 -7.24
N GLN B 171 -6.56 2.74 -6.18
CA GLN B 171 -7.35 2.81 -4.96
C GLN B 171 -6.88 3.94 -4.06
N ALA B 172 -5.63 4.34 -4.18
CA ALA B 172 -5.05 5.25 -3.18
C ALA B 172 -4.99 6.71 -3.61
N LEU B 173 -4.96 7.00 -4.92
CA LEU B 173 -4.89 8.37 -5.38
C LEU B 173 -6.18 9.12 -5.05
N VAL B 174 -6.06 10.20 -4.30
CA VAL B 174 -7.21 10.97 -3.88
C VAL B 174 -7.44 12.16 -4.83
N LEU B 175 -8.03 11.87 -5.98
CA LEU B 175 -8.35 12.88 -6.97
C LEU B 175 -9.70 12.50 -7.58
N PRO B 176 -10.52 13.50 -7.95
CA PRO B 176 -10.31 14.94 -7.71
C PRO B 176 -10.64 15.30 -6.26
N ARG B 177 -10.44 16.55 -5.85
CA ARG B 177 -10.75 16.95 -4.47
C ARG B 177 -11.66 18.17 -4.43
N ASN B 178 -11.12 19.36 -4.72
CA ASN B 178 -11.91 20.59 -4.72
C ASN B 178 -12.52 20.87 -6.07
N VAL B 179 -11.88 20.39 -7.13
CA VAL B 179 -12.44 20.50 -8.45
C VAL B 179 -13.47 19.41 -8.65
N PRO B 180 -14.70 19.78 -9.04
CA PRO B 180 -15.75 18.76 -9.09
C PRO B 180 -15.56 17.76 -10.22
N ASP B 181 -15.98 16.53 -9.94
CA ASP B 181 -16.04 15.47 -10.94
C ASP B 181 -16.92 15.93 -12.10
N THR B 182 -16.43 15.86 -13.33
CA THR B 182 -17.24 16.32 -14.45
C THR B 182 -18.41 15.40 -14.76
N ASN B 183 -18.38 14.16 -14.25
CA ASN B 183 -19.49 13.21 -14.48
C ASN B 183 -19.47 12.10 -13.44
N PRO B 184 -19.92 12.41 -12.22
CA PRO B 184 -19.80 11.50 -11.09
C PRO B 184 -20.69 10.27 -11.18
N TYR B 185 -21.63 10.28 -12.12
CA TYR B 185 -22.58 9.19 -12.23
C TYR B 185 -21.96 7.98 -12.89
N ARG B 186 -20.75 8.18 -13.40
CA ARG B 186 -19.94 7.13 -14.02
C ARG B 186 -18.88 6.64 -13.03
N SER B 187 -18.45 7.54 -12.14
CA SER B 187 -17.27 7.29 -11.33
C SER B 187 -17.39 6.16 -10.33
N SER B 188 -16.26 5.55 -10.04
CA SER B 188 -16.16 4.53 -9.01
C SER B 188 -15.20 5.02 -7.92
N ALA B 189 -15.63 4.86 -6.68
CA ALA B 189 -14.82 5.25 -5.53
C ALA B 189 -13.55 4.41 -5.46
N ALA B 190 -13.55 3.25 -6.08
CA ALA B 190 -12.44 2.32 -5.98
C ALA B 190 -11.36 2.50 -7.06
N ASP B 191 -11.60 3.34 -8.07
CA ASP B 191 -10.66 3.41 -9.18
C ASP B 191 -10.54 4.86 -9.67
N VAL B 192 -9.46 5.54 -9.30
CA VAL B 192 -9.28 6.93 -9.65
C VAL B 192 -9.39 7.15 -11.17
N THR B 193 -9.03 6.14 -11.96
CA THR B 193 -8.98 6.34 -13.41
C THR B 193 -10.37 6.30 -14.06
N THR B 194 -11.41 6.04 -13.27
CA THR B 194 -12.78 6.17 -13.76
C THR B 194 -13.39 7.54 -13.46
N ARG B 195 -12.62 8.40 -12.80
CA ARG B 195 -13.19 9.63 -12.27
C ARG B 195 -12.85 10.86 -13.12
N PHE B 196 -12.29 10.61 -14.30
CA PHE B 196 -11.84 11.69 -15.17
C PHE B 196 -12.23 11.35 -16.59
N ASP B 197 -12.49 12.37 -17.41
CA ASP B 197 -12.83 12.13 -18.80
C ASP B 197 -11.67 11.52 -19.58
N GLU B 198 -10.44 11.93 -19.24
CA GLU B 198 -9.27 11.54 -20.02
C GLU B 198 -8.15 11.21 -19.06
N VAL B 199 -7.53 10.06 -19.23
CA VAL B 199 -6.48 9.64 -18.30
C VAL B 199 -5.28 9.13 -19.06
N PHE B 200 -4.11 9.62 -18.68
CA PHE B 200 -2.85 9.11 -19.26
C PHE B 200 -2.02 8.62 -18.08
N TRP B 201 -1.49 7.41 -18.21
CA TRP B 201 -0.69 6.81 -17.14
C TRP B 201 0.58 6.36 -17.83
N PHE B 202 1.71 6.94 -17.45
CA PHE B 202 2.94 6.77 -18.20
C PHE B 202 4.08 6.58 -17.21
N GLY B 203 5.02 5.70 -17.51
CA GLY B 203 6.05 5.47 -16.53
C GLY B 203 6.89 4.27 -16.83
N ASP B 204 7.75 3.95 -15.88
CA ASP B 204 8.58 2.78 -15.97
C ASP B 204 7.78 1.70 -15.27
N PHE B 205 6.98 0.94 -16.02
CA PHE B 205 6.14 -0.07 -15.41
C PHE B 205 6.90 -1.39 -15.19
N ASN B 206 8.12 -1.47 -15.74
CA ASN B 206 9.00 -2.59 -15.49
C ASN B 206 8.52 -3.96 -15.97
N PHE B 207 7.59 -3.99 -16.92
CA PHE B 207 7.25 -5.27 -17.55
C PHE B 207 8.34 -5.66 -18.53
N ARG B 208 8.65 -6.96 -18.60
CA ARG B 208 9.79 -7.41 -19.37
C ARG B 208 9.36 -8.25 -20.56
N LEU B 209 10.31 -8.55 -21.43
CA LEU B 209 10.10 -9.52 -22.50
C LEU B 209 10.47 -10.91 -21.96
N SER B 210 9.57 -11.87 -22.15
CA SER B 210 9.81 -13.24 -21.71
C SER B 210 10.89 -13.90 -22.56
N GLY B 211 11.57 -14.90 -21.99
CA GLY B 211 12.61 -15.62 -22.70
C GLY B 211 13.98 -15.01 -22.49
N THR B 214 19.44 -14.59 -25.54
CA THR B 214 19.47 -15.15 -26.89
C THR B 214 18.06 -15.19 -27.45
N VAL B 215 17.12 -15.61 -26.62
CA VAL B 215 15.73 -15.68 -27.04
C VAL B 215 15.29 -14.34 -27.61
N VAL B 216 15.67 -13.26 -26.96
CA VAL B 216 15.29 -11.92 -27.41
C VAL B 216 16.03 -11.55 -28.70
N ASP B 217 17.29 -11.96 -28.79
CA ASP B 217 18.09 -11.66 -29.99
C ASP B 217 17.74 -12.62 -31.12
N VAL B 226 15.02 -7.04 -37.77
CA VAL B 226 14.51 -6.88 -36.41
C VAL B 226 12.99 -6.68 -36.42
N ASP B 227 12.27 -7.81 -36.37
CA ASP B 227 10.80 -7.81 -36.41
C ASP B 227 10.20 -7.42 -35.06
N VAL B 228 9.75 -6.18 -34.94
CA VAL B 228 9.16 -5.70 -33.70
C VAL B 228 7.83 -6.39 -33.39
N PRO B 229 6.91 -6.43 -34.37
CA PRO B 229 5.68 -7.23 -34.20
C PRO B 229 5.92 -8.57 -33.50
N ALA B 230 6.93 -9.30 -33.95
CA ALA B 230 7.20 -10.63 -33.40
C ALA B 230 7.77 -10.52 -32.00
N LEU B 231 8.55 -9.47 -31.77
CA LEU B 231 9.17 -9.25 -30.47
C LEU B 231 8.12 -9.00 -29.41
N LEU B 232 7.06 -8.30 -29.79
CA LEU B 232 6.05 -7.88 -28.85
C LEU B 232 5.26 -9.06 -28.29
N GLN B 233 5.23 -10.19 -29.00
CA GLN B 233 4.50 -11.35 -28.51
C GLN B 233 5.05 -11.79 -27.17
N HIS B 234 6.28 -11.39 -26.87
CA HIS B 234 6.88 -11.77 -25.61
C HIS B 234 6.67 -10.75 -24.50
N ASP B 235 6.05 -9.62 -24.80
CA ASP B 235 5.87 -8.56 -23.81
C ASP B 235 4.82 -8.89 -22.74
N GLN B 236 5.23 -8.81 -21.47
CA GLN B 236 4.34 -9.14 -20.34
C GLN B 236 3.12 -8.20 -20.29
N LEU B 237 3.33 -6.92 -20.59
CA LEU B 237 2.27 -5.94 -20.39
C LEU B 237 1.11 -6.13 -21.36
N ILE B 238 1.42 -6.28 -22.64
CA ILE B 238 0.37 -6.44 -23.64
C ILE B 238 -0.50 -7.63 -23.24
N ARG B 239 0.17 -8.71 -22.82
CA ARG B 239 -0.49 -9.95 -22.44
C ARG B 239 -1.37 -9.78 -21.20
N GLU B 240 -0.86 -9.11 -20.17
CA GLU B 240 -1.62 -8.91 -18.94
C GLU B 240 -2.82 -7.99 -19.18
N MET B 241 -2.64 -6.94 -19.97
CA MET B 241 -3.76 -6.06 -20.30
C MET B 241 -4.80 -6.82 -21.09
N ARG B 242 -4.36 -7.74 -21.96
CA ARG B 242 -5.30 -8.54 -22.74
C ARG B 242 -6.14 -9.45 -21.84
N LYS B 243 -5.54 -9.95 -20.75
CA LYS B 243 -6.27 -10.78 -19.79
C LYS B 243 -7.25 -9.95 -18.96
N GLY B 244 -7.11 -8.63 -18.98
CA GLY B 244 -7.91 -7.78 -18.12
C GLY B 244 -7.44 -7.72 -16.68
N SER B 245 -6.21 -8.18 -16.44
CA SER B 245 -5.69 -8.26 -15.08
C SER B 245 -5.09 -6.93 -14.60
N ILE B 246 -4.84 -5.99 -15.50
CA ILE B 246 -4.15 -4.78 -15.11
C ILE B 246 -4.53 -3.64 -16.06
N PHE B 247 -4.49 -2.40 -15.56
CA PHE B 247 -4.85 -1.25 -16.40
C PHE B 247 -6.20 -1.46 -17.10
N LYS B 248 -7.19 -1.85 -16.32
CA LYS B 248 -8.54 -2.03 -16.83
C LYS B 248 -9.04 -0.76 -17.55
N GLY B 249 -9.46 -0.92 -18.80
CA GLY B 249 -10.03 0.18 -19.55
C GLY B 249 -8.98 0.98 -20.31
N PHE B 250 -7.70 0.70 -20.10
CA PHE B 250 -6.65 1.48 -20.78
C PHE B 250 -6.30 0.82 -22.09
N GLN B 251 -5.76 1.61 -23.01
CA GLN B 251 -5.19 1.09 -24.24
C GLN B 251 -3.75 1.61 -24.37
N GLU B 252 -2.97 0.98 -25.25
CA GLU B 252 -1.65 1.50 -25.59
C GLU B 252 -1.57 1.66 -27.10
N PRO B 253 -0.88 2.69 -27.57
CA PRO B 253 -0.76 2.82 -29.02
C PRO B 253 0.12 1.70 -29.55
N ASP B 254 0.06 1.43 -30.86
CA ASP B 254 0.92 0.44 -31.48
C ASP B 254 2.40 0.83 -31.30
N ILE B 255 3.22 -0.18 -31.00
CA ILE B 255 4.65 0.02 -30.81
C ILE B 255 5.38 -0.35 -32.10
N HIS B 256 6.21 0.57 -32.59
CA HIS B 256 7.00 0.33 -33.78
C HIS B 256 8.49 0.51 -33.48
N PHE B 257 8.80 0.85 -32.23
CA PHE B 257 10.17 1.13 -31.86
C PHE B 257 10.82 -0.04 -31.10
N LEU B 258 12.14 0.04 -30.90
CA LEU B 258 12.89 -1.04 -30.27
C LEU B 258 12.88 -0.86 -28.75
N PRO B 259 13.14 -1.92 -28.00
CA PRO B 259 13.12 -1.83 -26.53
C PRO B 259 13.90 -0.61 -26.00
N SER B 260 13.32 0.07 -25.00
CA SER B 260 13.89 1.32 -24.49
C SER B 260 14.87 1.12 -23.32
N TYR B 261 15.18 -0.14 -23.01
CA TYR B 261 16.03 -0.47 -21.88
C TYR B 261 16.58 -1.86 -22.19
N LYS B 262 17.77 -2.24 -21.70
CA LYS B 262 18.71 -1.44 -20.94
C LYS B 262 19.90 -1.12 -21.85
N PHE B 263 20.28 0.16 -21.91
CA PHE B 263 21.32 0.63 -22.83
C PHE B 263 22.63 0.95 -22.11
N ASP B 264 23.75 0.76 -22.81
CA ASP B 264 25.03 1.28 -22.35
C ASP B 264 24.93 2.79 -22.34
N ILE B 265 25.47 3.42 -21.30
CA ILE B 265 25.38 4.88 -21.16
C ILE B 265 26.16 5.58 -22.27
N GLY B 266 25.48 6.48 -22.97
CA GLY B 266 26.08 7.24 -24.06
C GLY B 266 26.28 6.44 -25.34
N LYS B 267 25.59 5.30 -25.45
CA LYS B 267 25.72 4.43 -26.64
C LYS B 267 24.41 3.74 -27.02
N ASP B 268 24.30 3.33 -28.28
CA ASP B 268 23.07 2.71 -28.77
C ASP B 268 23.06 1.19 -28.65
N THR B 269 24.13 0.63 -28.09
CA THR B 269 24.21 -0.80 -27.85
C THR B 269 23.52 -1.15 -26.53
N TYR B 270 22.93 -2.35 -26.46
CA TYR B 270 22.34 -2.83 -25.21
C TYR B 270 23.42 -3.38 -24.29
N ASP B 271 23.11 -3.45 -23.00
CA ASP B 271 24.03 -3.99 -21.99
C ASP B 271 25.01 -5.01 -22.58
N THR B 278 18.75 -7.91 -19.93
CA THR B 278 18.28 -8.08 -21.31
C THR B 278 17.19 -7.05 -21.67
N PRO B 279 17.10 -6.68 -22.97
CA PRO B 279 16.22 -5.58 -23.38
C PRO B 279 14.73 -5.79 -23.05
N SER B 280 14.04 -4.70 -22.71
CA SER B 280 12.61 -4.74 -22.45
C SER B 280 11.97 -3.41 -22.80
N TYR B 281 10.66 -3.44 -23.00
CA TYR B 281 9.86 -2.22 -23.11
C TYR B 281 9.38 -1.82 -21.73
N THR B 282 10.29 -1.30 -20.92
CA THR B 282 9.94 -0.99 -19.53
C THR B 282 9.13 0.31 -19.43
N ASP B 283 9.28 1.20 -20.42
CA ASP B 283 8.69 2.55 -20.34
C ASP B 283 7.55 2.74 -21.35
N ARG B 284 6.36 3.08 -20.84
CA ARG B 284 5.15 2.99 -21.65
C ARG B 284 4.21 4.14 -21.35
N VAL B 285 3.33 4.44 -22.30
CA VAL B 285 2.29 5.43 -22.13
C VAL B 285 0.97 4.77 -22.47
N LEU B 286 0.06 4.76 -21.50
CA LEU B 286 -1.26 4.15 -21.61
C LEU B 286 -2.34 5.25 -21.52
N TYR B 287 -3.49 5.07 -22.16
CA TYR B 287 -4.54 6.07 -22.08
C TYR B 287 -5.92 5.45 -21.91
N ARG B 288 -6.80 6.18 -21.24
CA ARG B 288 -8.16 5.71 -20.98
C ARG B 288 -9.08 6.91 -21.09
N SER B 289 -10.26 6.73 -21.67
CA SER B 289 -11.26 7.80 -21.67
C SER B 289 -12.65 7.30 -21.31
N ARG B 290 -13.47 8.18 -20.74
CA ARG B 290 -14.85 7.82 -20.43
C ARG B 290 -15.66 7.59 -21.70
N HIS B 291 -15.33 8.32 -22.74
CA HIS B 291 -16.10 8.23 -23.97
C HIS B 291 -15.19 7.66 -25.05
N LYS B 292 -15.60 6.53 -25.62
CA LYS B 292 -14.84 5.92 -26.70
C LYS B 292 -14.45 6.94 -27.77
N GLY B 293 -13.20 6.88 -28.20
CA GLY B 293 -12.74 7.70 -29.32
C GLY B 293 -12.29 9.12 -28.97
N ASP B 294 -12.40 9.51 -27.70
CA ASP B 294 -11.96 10.85 -27.29
C ASP B 294 -10.47 11.09 -27.52
N ILE B 295 -9.67 10.03 -27.41
CA ILE B 295 -8.22 10.14 -27.50
C ILE B 295 -7.68 9.42 -28.72
N CYS B 296 -7.01 10.18 -29.57
CA CYS B 296 -6.49 9.65 -30.83
CA CYS B 296 -6.49 9.62 -30.81
C CYS B 296 -4.96 9.72 -30.82
N PRO B 297 -4.29 8.58 -30.74
CA PRO B 297 -2.83 8.62 -30.78
C PRO B 297 -2.38 9.06 -32.15
N VAL B 298 -1.37 9.93 -32.19
CA VAL B 298 -0.80 10.45 -33.43
C VAL B 298 0.55 9.80 -33.65
N SER B 299 1.31 9.65 -32.57
CA SER B 299 2.63 9.07 -32.67
C SER B 299 3.04 8.53 -31.32
N TYR B 300 3.84 7.46 -31.32
CA TYR B 300 4.30 6.84 -30.06
C TYR B 300 5.68 6.36 -30.39
N SER B 301 6.70 6.86 -29.70
CA SER B 301 8.06 6.43 -30.01
C SER B 301 9.02 6.65 -28.85
N SER B 302 10.26 6.19 -29.02
CA SER B 302 11.29 6.47 -28.03
C SER B 302 12.11 7.58 -28.63
N CYS B 303 13.02 8.14 -27.84
CA CYS B 303 13.92 9.18 -28.31
CA CYS B 303 13.90 9.21 -28.32
C CYS B 303 15.34 8.68 -28.31
N PRO B 304 15.76 8.05 -29.40
CA PRO B 304 17.11 7.49 -29.35
C PRO B 304 18.21 8.55 -29.17
N GLY B 305 17.89 9.81 -29.43
CA GLY B 305 18.88 10.88 -29.35
C GLY B 305 19.40 11.14 -27.96
N ILE B 306 18.56 10.94 -26.95
CA ILE B 306 18.92 11.16 -25.55
C ILE B 306 19.51 9.88 -24.94
N LYS B 307 20.81 9.90 -24.68
CA LYS B 307 21.55 8.70 -24.34
C LYS B 307 22.27 8.79 -22.99
N THR B 308 21.92 9.75 -22.16
CA THR B 308 22.58 9.93 -20.86
C THR B 308 22.19 8.94 -19.75
N SER B 309 21.10 8.20 -19.92
CA SER B 309 20.74 7.14 -18.96
C SER B 309 20.63 5.80 -19.67
N ASP B 310 20.44 4.73 -18.91
CA ASP B 310 20.28 3.41 -19.50
C ASP B 310 18.88 3.21 -20.10
N HIS B 311 17.97 4.17 -19.90
CA HIS B 311 16.68 4.19 -20.58
C HIS B 311 16.62 5.24 -21.68
N ARG B 312 15.90 4.96 -22.76
CA ARG B 312 15.55 6.03 -23.69
C ARG B 312 14.20 6.60 -23.25
N PRO B 313 14.04 7.92 -23.36
CA PRO B 313 12.70 8.48 -23.16
C PRO B 313 11.68 7.89 -24.13
N VAL B 314 10.45 7.69 -23.67
CA VAL B 314 9.37 7.23 -24.52
C VAL B 314 8.25 8.31 -24.47
N TYR B 315 7.65 8.65 -25.62
CA TYR B 315 6.63 9.68 -25.63
C TYR B 315 5.48 9.32 -26.59
N GLY B 316 4.33 9.92 -26.36
CA GLY B 316 3.17 9.73 -27.22
C GLY B 316 2.63 11.11 -27.55
N LEU B 317 2.25 11.32 -28.79
CA LEU B 317 1.57 12.53 -29.18
C LEU B 317 0.13 12.11 -29.39
N PHE B 318 -0.79 12.89 -28.86
CA PHE B 318 -2.19 12.57 -28.93
C PHE B 318 -2.99 13.80 -29.36
N ARG B 319 -4.16 13.57 -29.92
CA ARG B 319 -5.15 14.63 -30.03
C ARG B 319 -6.35 14.21 -29.18
N VAL B 320 -6.82 15.12 -28.33
CA VAL B 320 -7.84 14.76 -27.35
C VAL B 320 -9.04 15.69 -27.47
N LYS B 321 -10.22 15.12 -27.58
CA LYS B 321 -11.44 15.89 -27.73
C LYS B 321 -11.75 16.65 -26.46
N VAL B 322 -12.19 17.88 -26.61
CA VAL B 322 -12.53 18.72 -25.48
CA VAL B 322 -12.53 18.73 -25.47
C VAL B 322 -13.96 19.25 -25.65
N ARG B 323 -14.64 19.52 -24.54
CA ARG B 323 -16.02 20.02 -24.54
C ARG B 323 -16.11 21.28 -23.69
N PRO B 324 -17.10 22.15 -23.99
CA PRO B 324 -17.29 23.39 -23.25
C PRO B 324 -17.56 23.14 -21.77
N GLY B 325 -17.14 24.07 -20.92
CA GLY B 325 -17.31 23.93 -19.49
C GLY B 325 -18.08 25.10 -18.90
N ARG B 326 -18.02 25.23 -17.57
CA ARG B 326 -18.66 26.33 -16.85
C ARG B 326 -17.68 26.94 -15.86
N ASP B 327 -17.94 28.19 -15.48
CA ASP B 327 -16.98 28.99 -14.70
C ASP B 327 -17.14 28.85 -13.20
N ASN B 328 -18.19 28.18 -12.77
CA ASN B 328 -18.43 28.05 -11.33
C ASN B 328 -17.67 26.87 -10.72
N ILE B 329 -16.37 26.83 -11.00
CA ILE B 329 -15.46 25.86 -10.40
C ILE B 329 -14.19 26.61 -9.95
N PRO B 330 -13.32 25.95 -9.18
CA PRO B 330 -12.06 26.63 -8.79
C PRO B 330 -11.15 26.81 -10.00
N LEU B 331 -10.80 28.05 -10.33
CA LEU B 331 -10.07 28.33 -11.57
C LEU B 331 -8.58 28.65 -11.34
N ALA B 332 -7.73 28.22 -12.27
CA ALA B 332 -6.33 28.67 -12.30
C ALA B 332 -6.25 30.19 -12.52
N ALA B 333 -7.05 30.69 -13.47
CA ALA B 333 -7.12 32.11 -13.80
C ALA B 333 -5.73 32.73 -13.82
N GLY B 334 -4.83 32.14 -14.60
CA GLY B 334 -3.52 32.71 -14.81
C GLY B 334 -2.52 32.44 -13.72
N LYS B 335 -2.71 31.34 -12.99
CA LYS B 335 -1.75 30.89 -11.98
C LYS B 335 -0.72 29.97 -12.62
N PHE B 336 0.56 30.31 -12.49
CA PHE B 336 1.63 29.45 -13.04
C PHE B 336 2.94 29.77 -12.29
N ASP B 337 4.01 29.01 -12.53
CA ASP B 337 5.30 29.28 -11.87
C ASP B 337 6.00 30.48 -12.55
N ARG B 338 5.73 31.68 -12.05
CA ARG B 338 6.25 32.87 -12.69
C ARG B 338 7.76 32.98 -12.51
N GLU B 339 8.28 32.52 -11.37
CA GLU B 339 9.71 32.54 -11.13
C GLU B 339 10.43 31.70 -12.18
N LEU B 340 9.93 30.50 -12.43
CA LEU B 340 10.52 29.60 -13.40
C LEU B 340 10.50 30.20 -14.81
N TYR B 341 9.38 30.82 -15.16
CA TYR B 341 9.21 31.43 -16.47
C TYR B 341 10.29 32.48 -16.67
N LEU B 342 10.50 33.31 -15.65
CA LEU B 342 11.50 34.36 -15.74
C LEU B 342 12.90 33.75 -15.89
N LEU B 343 13.16 32.68 -15.17
CA LEU B 343 14.47 32.01 -15.27
C LEU B 343 14.69 31.51 -16.68
N GLY B 344 13.63 30.98 -17.29
CA GLY B 344 13.70 30.53 -18.67
C GLY B 344 14.02 31.69 -19.61
N ILE B 345 13.40 32.83 -19.37
CA ILE B 345 13.65 34.03 -20.18
C ILE B 345 15.11 34.47 -20.02
N LYS B 346 15.63 34.42 -18.80
CA LYS B 346 17.02 34.83 -18.54
C LYS B 346 18.02 33.93 -19.23
N ARG B 347 17.80 32.62 -19.12
CA ARG B 347 18.69 31.62 -19.70
C ARG B 347 18.78 31.77 -21.21
N ARG B 348 17.66 32.09 -21.84
CA ARG B 348 17.62 32.25 -23.30
C ARG B 348 18.27 33.56 -23.76
N ILE B 349 18.50 34.48 -22.84
CA ILE B 349 19.29 35.65 -23.15
C ILE B 349 20.78 35.30 -23.17
N SER B 350 21.15 34.22 -22.45
CA SER B 350 22.52 33.71 -22.48
C SER B 350 22.52 32.20 -22.74
#